data_4K0V
#
_entry.id   4K0V
#
_cell.length_a   189.533
_cell.length_b   189.533
_cell.length_c   334.867
_cell.angle_alpha   90.00
_cell.angle_beta   90.00
_cell.angle_gamma   90.00
#
_symmetry.space_group_name_H-M   'I 41 2 2'
#
loop_
_entity.id
_entity.type
_entity.pdbx_description
1 polymer 'TEK tyrosine kinase variant'
2 polymer Angiopoietin-1
#
loop_
_entity_poly.entity_id
_entity_poly.type
_entity_poly.pdbx_seq_one_letter_code
_entity_poly.pdbx_strand_id
1 'polypeptide(L)'
;AMDLILINSLPLVSDAETSLTCIASGWRPHEPITIGRDFEALMNQHQDPLEVTQDVTREWAKKVVWKREKASKINGAYFC
EGRVRGEAIRIRTMKMRQQASFLPATLTMTVDKGDNVNISFKKVLIKEEDAVIYKNGSFIHSVPRHEVPDILEVHLPHAQ
PQDAGVYSARYIGGNLFTSAFTRLIVRRCEAQKWGPECNHLCTACMNNGVCHEDTGECICPPGFMGRTCEKACELHTFGR
TCKERCSGQEGCKSYVFCLPDPYGCSCATGWKGLQCNEACHPGFYGPDCKLRCSCNNGEMCDRFQGCLCSPGWQGLQCER
EGIPRMTPKIVDLPDHIEVNSGKFNPICKASGWPLPTNEEMTLVKPDGTVLHPKDFNHTDHFSVAIFTIHRILPPDSGVW
VCSVNTVAGMVEKPFNISVKVLPKPLNAPNVIDTGHNFAVINISSEPYFGDGPIKSKKLLYKPVNHYEAWQHIQVTNEIV
TLNYLEPRTEYELCVQLVRRGEGGEGHPGPVRRFTTASIGGSASGLVPR
;
A
2 'polypeptide(L)'
;AELASEKPFRDCADVYQAGFNKSGIYTIYINNMPEPKKVFCNMDVNGGGWTVIQHREDGSLDFQRGWKEYKMGFGNPSGE
YWLGNEFIFAITSQRQYMLRIELMDWEGNRAYSQYDRFHIGNEKQNYRLYLKGHTGTAGKQSSLILHGADFSTKDADNDN
CMCKCALMLTGGWWFDACGPSNLNGMFYTAGQNHGKLNGIKWHYFKGPSYSLRSTTMMIRPLDFGSLVPR
;
B
#
# COMPACT_ATOMS: atom_id res chain seq x y z
N ALA A 1 17.81 -9.19 6.38
CA ALA A 1 18.20 -7.80 6.63
C ALA A 1 17.23 -7.02 7.56
N MET A 2 16.07 -7.62 7.85
CA MET A 2 14.96 -6.94 8.52
C MET A 2 13.77 -7.94 8.60
N ASP A 3 13.22 -8.21 9.78
CA ASP A 3 11.93 -8.96 9.89
C ASP A 3 10.78 -8.17 10.61
N LEU A 4 9.99 -7.43 9.82
CA LEU A 4 8.94 -6.54 10.36
C LEU A 4 7.52 -7.08 10.25
N ILE A 5 6.91 -7.23 11.42
CA ILE A 5 5.57 -7.74 11.55
C ILE A 5 4.67 -6.68 12.20
N LEU A 6 3.50 -6.47 11.59
CA LEU A 6 2.47 -5.63 12.16
C LEU A 6 1.38 -6.49 12.76
N ILE A 7 1.20 -6.33 14.06
CA ILE A 7 0.10 -6.98 14.75
C ILE A 7 -1.04 -5.97 14.96
N ASN A 8 -2.22 -6.31 14.44
CA ASN A 8 -3.47 -5.61 14.72
C ASN A 8 -4.26 -6.40 15.74
N SER A 9 -4.39 -5.88 16.97
CA SER A 9 -5.22 -6.57 17.95
C SER A 9 -6.66 -6.14 17.69
N LEU A 10 -7.19 -6.81 16.67
CA LEU A 10 -8.53 -6.63 16.16
C LEU A 10 -8.77 -5.24 15.60
N PRO A 11 -9.01 -5.17 14.29
CA PRO A 11 -9.15 -3.95 13.50
C PRO A 11 -10.56 -3.37 13.63
N LEU A 12 -11.44 -4.08 14.33
CA LEU A 12 -12.81 -3.60 14.53
C LEU A 12 -12.96 -3.08 15.96
N VAL A 13 -13.14 -1.77 16.06
CA VAL A 13 -13.20 -1.12 17.36
C VAL A 13 -14.59 -1.17 17.98
N SER A 14 -14.66 -1.65 19.22
CA SER A 14 -15.86 -1.52 20.02
C SER A 14 -15.61 -0.50 21.12
N ASP A 15 -16.15 -0.76 22.31
CA ASP A 15 -15.95 0.13 23.44
C ASP A 15 -14.69 -0.28 24.18
N ALA A 16 -14.29 -1.53 23.97
CA ALA A 16 -13.06 -2.02 24.57
C ALA A 16 -11.87 -1.43 23.83
N GLU A 17 -10.68 -1.80 24.27
CA GLU A 17 -9.48 -1.29 23.66
C GLU A 17 -9.05 -2.11 22.46
N THR A 18 -8.32 -1.48 21.57
CA THR A 18 -7.56 -2.20 20.57
C THR A 18 -6.14 -1.68 20.60
N SER A 19 -5.26 -2.38 19.89
CA SER A 19 -3.84 -2.10 20.02
C SER A 19 -3.12 -2.49 18.73
N LEU A 20 -2.11 -1.70 18.41
CA LEU A 20 -1.26 -1.98 17.27
C LEU A 20 0.18 -2.20 17.74
N THR A 21 0.69 -3.42 17.58
CA THR A 21 2.07 -3.72 17.97
C THR A 21 2.94 -3.97 16.75
N CYS A 22 4.03 -3.22 16.64
CA CYS A 22 4.99 -3.33 15.53
C CYS A 22 6.26 -3.99 16.02
N ILE A 23 6.47 -5.22 15.56
CA ILE A 23 7.59 -6.05 15.99
C ILE A 23 8.72 -6.15 14.97
N ALA A 24 9.95 -5.97 15.42
CA ALA A 24 11.10 -6.13 14.55
C ALA A 24 12.00 -7.23 15.10
N SER A 25 12.38 -8.17 14.25
CA SER A 25 13.42 -9.13 14.58
C SER A 25 14.76 -8.64 14.03
N GLY A 26 15.49 -8.03 14.95
CA GLY A 26 16.79 -7.44 14.69
C GLY A 26 17.52 -7.39 16.03
N TRP A 27 18.75 -6.92 16.01
CA TRP A 27 19.59 -6.92 17.22
C TRP A 27 20.86 -6.05 17.09
N ARG A 28 21.11 -5.20 18.10
CA ARG A 28 22.21 -4.22 18.12
C ARG A 28 22.24 -3.34 16.84
N PRO A 29 21.51 -2.20 16.84
CA PRO A 29 20.63 -1.66 17.87
C PRO A 29 19.19 -2.03 17.52
N HIS A 30 18.31 -1.05 17.37
CA HIS A 30 16.93 -1.34 17.06
C HIS A 30 16.29 -0.19 16.28
N GLU A 31 16.53 -0.21 14.98
CA GLU A 31 16.09 0.84 14.06
C GLU A 31 14.73 1.39 14.43
N PRO A 32 14.67 2.70 14.65
CA PRO A 32 13.48 3.35 15.24
C PRO A 32 12.18 2.95 14.53
N ILE A 33 11.30 2.30 15.28
CA ILE A 33 10.04 1.82 14.73
C ILE A 33 9.10 3.02 14.66
N THR A 34 8.69 3.36 13.45
CA THR A 34 7.67 4.40 13.26
C THR A 34 6.28 3.77 13.36
N ILE A 35 5.36 4.46 14.04
CA ILE A 35 3.95 4.14 13.98
C ILE A 35 3.22 5.47 13.96
N GLY A 36 2.58 5.76 12.83
CA GLY A 36 1.85 7.01 12.65
C GLY A 36 0.59 6.72 11.89
N ARG A 37 -0.32 7.70 11.84
CA ARG A 37 -1.48 7.55 10.96
C ARG A 37 -1.04 7.56 9.49
N ASP A 38 -1.77 6.83 8.63
CA ASP A 38 -1.40 6.66 7.21
C ASP A 38 -2.13 7.64 6.27
N PHE A 39 -1.90 8.95 6.47
CA PHE A 39 -2.66 10.01 5.80
C PHE A 39 -2.79 9.93 4.26
N GLU A 40 -1.94 9.17 3.60
CA GLU A 40 -1.99 9.14 2.14
C GLU A 40 -3.12 8.26 1.56
N ALA A 41 -3.27 7.04 2.06
CA ALA A 41 -4.16 6.03 1.47
C ALA A 41 -5.65 6.25 1.77
N LEU A 42 -5.90 7.11 2.75
CA LEU A 42 -7.23 7.56 3.13
C LEU A 42 -7.19 9.00 3.64
N MET A 43 -7.26 9.95 2.70
CA MET A 43 -7.13 11.37 3.05
C MET A 43 -8.26 11.81 3.98
N ASN A 44 -8.12 13.02 4.52
CA ASN A 44 -9.11 13.63 5.40
C ASN A 44 -9.28 12.96 6.76
N GLN A 45 -8.31 12.13 7.14
CA GLN A 45 -8.21 11.64 8.50
C GLN A 45 -8.09 12.82 9.45
N HIS A 46 -8.53 12.67 10.69
CA HIS A 46 -8.33 13.78 11.63
C HIS A 46 -7.02 13.55 12.38
N GLN A 47 -6.20 14.61 12.37
CA GLN A 47 -4.83 14.61 12.87
C GLN A 47 -4.71 14.66 14.39
N ASP A 48 -3.91 13.74 14.92
CA ASP A 48 -3.80 13.48 16.35
C ASP A 48 -2.41 12.87 16.53
N PRO A 49 -1.59 13.47 17.41
CA PRO A 49 -0.26 12.88 17.63
C PRO A 49 -0.42 11.61 18.45
N LEU A 50 -0.26 10.46 17.81
CA LEU A 50 -0.49 9.18 18.47
C LEU A 50 0.73 8.78 19.27
N GLU A 51 0.48 8.29 20.48
CA GLU A 51 1.57 7.92 21.38
C GLU A 51 2.12 6.56 21.03
N VAL A 52 3.41 6.50 20.71
CA VAL A 52 4.07 5.23 20.48
C VAL A 52 4.84 4.83 21.73
N THR A 53 4.25 3.98 22.56
CA THR A 53 4.95 3.46 23.73
C THR A 53 5.81 2.28 23.33
N GLN A 54 6.51 1.67 24.29
CA GLN A 54 7.30 0.49 23.98
C GLN A 54 6.75 -0.77 24.61
N ASP A 55 6.84 -1.85 23.84
CA ASP A 55 6.28 -3.15 24.19
C ASP A 55 7.34 -4.06 24.78
N VAL A 56 6.92 -4.90 25.70
CA VAL A 56 7.86 -5.59 26.56
C VAL A 56 7.50 -7.06 26.69
N THR A 57 6.52 -7.52 25.92
CA THR A 57 6.28 -8.96 25.82
C THR A 57 7.28 -9.58 24.83
N ARG A 58 8.00 -8.74 24.08
CA ARG A 58 8.96 -9.18 23.03
C ARG A 58 10.32 -8.47 23.13
N GLU A 59 11.31 -8.90 22.33
CA GLU A 59 12.62 -8.24 22.34
C GLU A 59 12.41 -6.79 22.00
N TRP A 60 12.20 -6.52 20.73
CA TRP A 60 12.04 -5.13 20.30
C TRP A 60 10.67 -4.97 19.64
N ALA A 61 9.81 -4.15 20.24
CA ALA A 61 8.53 -3.79 19.63
C ALA A 61 7.93 -2.50 20.24
N LYS A 62 7.35 -1.66 19.40
CA LYS A 62 6.65 -0.48 19.91
C LYS A 62 5.17 -0.69 19.68
N LYS A 63 4.34 -0.32 20.66
CA LYS A 63 2.90 -0.56 20.57
C LYS A 63 2.05 0.69 20.85
N VAL A 64 0.93 0.83 20.13
CA VAL A 64 -0.02 1.94 20.30
C VAL A 64 -1.35 1.44 20.84
N VAL A 65 -1.54 1.61 22.15
CA VAL A 65 -2.78 1.29 22.83
C VAL A 65 -3.67 2.51 22.99
N TRP A 66 -4.84 2.51 22.34
CA TRP A 66 -5.87 3.46 22.75
C TRP A 66 -6.68 2.72 23.77
N LYS A 67 -7.03 3.40 24.84
CA LYS A 67 -7.72 2.79 25.97
C LYS A 67 -9.24 2.79 25.74
N ARG A 68 -9.93 1.91 26.46
CA ARG A 68 -11.35 1.69 26.23
C ARG A 68 -12.11 2.99 26.33
N GLU A 69 -13.11 3.15 25.49
CA GLU A 69 -13.90 4.38 25.34
C GLU A 69 -13.20 5.52 24.58
N LYS A 70 -11.87 5.64 24.74
CA LYS A 70 -11.13 6.75 24.12
C LYS A 70 -10.83 6.37 22.68
N ALA A 71 -11.29 5.19 22.30
CA ALA A 71 -11.35 4.76 20.91
C ALA A 71 -12.29 5.65 20.07
N SER A 72 -11.84 6.89 19.85
CA SER A 72 -12.57 7.97 19.15
C SER A 72 -12.11 8.20 17.71
N LYS A 73 -11.21 9.17 17.57
CA LYS A 73 -10.50 9.44 16.33
C LYS A 73 -9.45 8.37 16.06
N ILE A 74 -9.89 7.12 15.90
CA ILE A 74 -8.95 6.07 15.57
C ILE A 74 -9.32 5.50 14.22
N ASN A 75 -10.48 5.91 13.71
CA ASN A 75 -10.89 5.50 12.38
C ASN A 75 -9.88 5.98 11.36
N GLY A 76 -9.56 5.12 10.38
CA GLY A 76 -8.50 5.43 9.43
C GLY A 76 -7.55 4.29 9.15
N ALA A 77 -6.50 4.57 8.38
CA ALA A 77 -5.49 3.58 8.03
C ALA A 77 -4.20 3.90 8.75
N TYR A 78 -3.34 2.91 8.92
CA TYR A 78 -2.13 3.10 9.72
C TYR A 78 -0.92 2.37 9.14
N PHE A 79 0.27 2.63 9.68
CA PHE A 79 1.50 2.00 9.17
C PHE A 79 2.66 1.90 10.16
N CYS A 80 3.59 0.99 9.87
CA CYS A 80 4.87 1.02 10.57
C CYS A 80 6.06 0.76 9.63
N GLU A 81 7.12 1.57 9.79
CA GLU A 81 8.31 1.45 8.96
C GLU A 81 9.35 0.75 9.78
N GLY A 82 10.26 0.08 9.11
CA GLY A 82 11.31 -0.61 9.81
C GLY A 82 12.66 -0.31 9.21
N ARG A 83 12.68 -0.24 7.88
CA ARG A 83 13.86 0.16 7.14
C ARG A 83 15.03 -0.85 7.27
N VAL A 84 16.09 -0.53 6.51
CA VAL A 84 17.31 -1.34 6.30
C VAL A 84 18.41 -0.40 5.71
N ARG A 85 19.23 -0.84 4.75
CA ARG A 85 20.30 0.04 4.20
C ARG A 85 19.86 1.02 3.10
N GLY A 86 19.32 2.17 3.50
CA GLY A 86 18.76 3.13 2.55
C GLY A 86 17.39 2.71 2.05
N GLU A 87 17.08 1.41 2.20
CA GLU A 87 15.82 0.79 1.76
C GLU A 87 14.82 0.82 2.91
N ALA A 88 13.57 1.13 2.59
CA ALA A 88 12.52 1.22 3.60
C ALA A 88 11.81 -0.10 3.73
N ILE A 89 10.56 -0.02 4.21
CA ILE A 89 9.60 -1.12 4.29
C ILE A 89 8.42 -0.72 5.18
N ARG A 90 7.20 -0.76 4.65
CA ARG A 90 6.02 -0.42 5.45
C ARG A 90 4.83 -1.35 5.21
N ILE A 91 4.12 -1.61 6.31
CA ILE A 91 2.97 -2.48 6.36
C ILE A 91 1.79 -1.62 6.76
N ARG A 92 0.69 -1.75 6.01
CA ARG A 92 -0.48 -0.90 6.17
C ARG A 92 -1.72 -1.68 6.56
N THR A 93 -2.36 -1.22 7.63
CA THR A 93 -3.68 -1.72 8.01
C THR A 93 -4.68 -0.60 8.25
N MET A 94 -5.81 -1.00 8.85
CA MET A 94 -6.94 -0.13 9.05
C MET A 94 -7.60 -0.39 10.42
N LYS A 95 -8.48 0.52 10.80
CA LYS A 95 -9.17 0.47 12.07
C LYS A 95 -10.50 1.17 11.82
N MET A 96 -11.58 0.61 12.34
CA MET A 96 -12.92 1.10 12.02
C MET A 96 -14.00 0.75 13.03
N ARG A 97 -15.03 1.59 13.07
CA ARG A 97 -16.23 1.33 13.87
C ARG A 97 -16.71 -0.08 13.58
N GLN A 98 -16.85 -0.87 14.64
CA GLN A 98 -17.36 -2.24 14.54
C GLN A 98 -18.75 -2.16 13.99
N GLN A 99 -19.49 -1.24 14.59
CA GLN A 99 -20.78 -0.81 14.08
C GLN A 99 -20.62 -0.35 12.64
N ALA A 100 -20.35 0.94 12.49
CA ALA A 100 -20.29 1.57 11.18
C ALA A 100 -21.59 1.25 10.43
N SER A 101 -21.51 0.99 9.14
CA SER A 101 -22.71 0.64 8.39
C SER A 101 -22.45 -0.56 7.54
N PHE A 102 -21.17 -0.90 7.41
CA PHE A 102 -20.77 -2.02 6.57
C PHE A 102 -19.56 -2.77 7.13
N LEU A 103 -19.16 -3.82 6.41
CA LEU A 103 -18.11 -4.74 6.85
C LEU A 103 -17.39 -5.40 5.68
N PRO A 104 -16.20 -4.90 5.37
CA PRO A 104 -15.34 -5.19 4.22
C PRO A 104 -15.18 -6.69 3.85
N ALA A 105 -15.62 -7.58 4.73
CA ALA A 105 -15.47 -9.03 4.54
C ALA A 105 -14.03 -9.53 4.22
N THR A 106 -13.05 -8.62 4.34
CA THR A 106 -11.60 -8.89 4.22
C THR A 106 -10.78 -7.59 4.23
N LEU A 107 -9.74 -7.53 5.06
CA LEU A 107 -8.96 -6.31 5.17
C LEU A 107 -8.07 -6.03 3.96
N THR A 108 -7.50 -7.08 3.37
CA THR A 108 -6.72 -6.92 2.13
C THR A 108 -6.89 -8.05 1.13
N MET A 109 -6.69 -7.65 -0.11
CA MET A 109 -6.80 -8.50 -1.25
C MET A 109 -5.47 -8.48 -2.00
N THR A 110 -4.94 -9.63 -2.35
CA THR A 110 -3.70 -9.69 -3.12
C THR A 110 -3.97 -10.17 -4.54
N VAL A 111 -4.04 -9.24 -5.49
CA VAL A 111 -4.41 -9.59 -6.86
C VAL A 111 -3.46 -9.08 -7.94
N ASP A 112 -3.39 -9.82 -9.04
CA ASP A 112 -2.34 -9.64 -10.04
C ASP A 112 -2.84 -8.84 -11.25
N LYS A 113 -2.03 -7.90 -11.72
CA LYS A 113 -2.35 -7.05 -12.87
C LYS A 113 -3.14 -7.81 -13.93
N GLY A 114 -4.39 -7.40 -14.15
CA GLY A 114 -5.25 -8.05 -15.13
C GLY A 114 -6.07 -9.21 -14.60
N ASP A 115 -6.66 -9.05 -13.42
CA ASP A 115 -7.60 -10.03 -12.88
C ASP A 115 -8.94 -9.31 -12.66
N ASN A 116 -10.04 -10.03 -12.83
CA ASN A 116 -11.36 -9.54 -12.44
C ASN A 116 -11.52 -9.62 -10.92
N VAL A 117 -11.77 -8.48 -10.28
CA VAL A 117 -11.93 -8.44 -8.82
C VAL A 117 -13.31 -7.91 -8.34
N ASN A 118 -13.86 -8.54 -7.30
CA ASN A 118 -15.20 -8.24 -6.77
C ASN A 118 -15.08 -7.68 -5.32
N ILE A 119 -14.60 -6.44 -5.17
CA ILE A 119 -14.43 -5.79 -3.84
C ILE A 119 -15.77 -5.55 -3.12
N SER A 120 -16.02 -6.32 -2.06
CA SER A 120 -17.34 -6.34 -1.40
C SER A 120 -17.43 -5.73 0.02
N PHE A 121 -18.65 -5.72 0.56
CA PHE A 121 -18.98 -5.26 1.92
C PHE A 121 -20.33 -5.90 2.23
N LYS A 122 -20.48 -6.46 3.43
CA LYS A 122 -21.79 -6.99 3.85
C LYS A 122 -22.57 -5.80 4.38
N LYS A 123 -23.85 -5.72 4.02
CA LYS A 123 -24.73 -4.64 4.46
C LYS A 123 -25.26 -4.92 5.85
N VAL A 124 -24.92 -4.07 6.81
CA VAL A 124 -25.31 -4.35 8.18
C VAL A 124 -26.42 -3.46 8.68
N LEU A 125 -26.09 -2.18 8.88
CA LEU A 125 -27.01 -1.22 9.46
C LEU A 125 -27.80 -0.46 8.41
N ILE A 126 -28.85 -1.10 7.90
CA ILE A 126 -29.75 -0.55 6.88
C ILE A 126 -30.42 0.80 7.25
N LYS A 127 -30.11 1.84 6.46
CA LYS A 127 -30.73 3.17 6.60
C LYS A 127 -31.35 3.66 5.30
N GLU A 128 -32.20 4.68 5.40
CA GLU A 128 -33.01 5.16 4.28
C GLU A 128 -32.30 6.25 3.45
N GLU A 129 -30.98 6.13 3.32
CA GLU A 129 -30.21 6.93 2.37
C GLU A 129 -29.55 5.99 1.37
N ASP A 130 -28.60 6.53 0.62
CA ASP A 130 -27.91 5.77 -0.42
C ASP A 130 -26.64 5.14 0.13
N ALA A 131 -26.08 4.20 -0.62
CA ALA A 131 -24.76 3.62 -0.34
C ALA A 131 -23.69 4.35 -1.17
N VAL A 132 -22.46 4.44 -0.67
CA VAL A 132 -21.37 5.13 -1.37
C VAL A 132 -19.97 4.47 -1.27
N ILE A 133 -19.17 4.57 -2.33
CA ILE A 133 -17.86 3.89 -2.48
C ILE A 133 -16.64 4.84 -2.66
N TYR A 134 -15.72 4.84 -1.71
CA TYR A 134 -14.63 5.80 -1.69
C TYR A 134 -13.22 5.17 -1.63
N LYS A 135 -12.42 5.36 -2.68
CA LYS A 135 -11.00 4.94 -2.66
C LYS A 135 -10.09 6.17 -2.50
N ASN A 136 -8.91 6.02 -1.89
CA ASN A 136 -7.94 7.13 -1.63
C ASN A 136 -8.64 8.32 -1.00
N GLY A 137 -9.80 8.08 -0.39
CA GLY A 137 -10.64 9.19 0.00
C GLY A 137 -11.08 10.08 -1.14
N SER A 138 -10.95 9.61 -2.39
CA SER A 138 -11.53 10.30 -3.57
C SER A 138 -12.80 9.58 -4.01
N PHE A 139 -13.79 10.36 -4.41
CA PHE A 139 -15.09 9.82 -4.78
C PHE A 139 -15.04 8.88 -5.99
N ILE A 140 -15.94 7.90 -6.00
CA ILE A 140 -16.21 7.18 -7.21
C ILE A 140 -17.68 7.36 -7.40
N HIS A 141 -18.40 6.29 -7.08
CA HIS A 141 -19.81 6.15 -7.39
C HIS A 141 -20.64 5.66 -6.20
N SER A 142 -21.86 5.16 -6.47
CA SER A 142 -22.79 4.86 -5.40
C SER A 142 -23.94 3.92 -5.79
N VAL A 143 -25.01 3.95 -4.97
CA VAL A 143 -26.22 3.12 -5.11
C VAL A 143 -27.46 3.91 -4.67
N PRO A 144 -28.45 4.06 -5.58
CA PRO A 144 -29.69 4.75 -5.22
C PRO A 144 -30.35 4.13 -3.99
N ARG A 145 -31.08 4.94 -3.22
CA ARG A 145 -31.61 4.56 -1.90
C ARG A 145 -32.38 3.24 -1.80
N HIS A 146 -33.26 2.97 -2.76
CA HIS A 146 -34.16 1.83 -2.65
C HIS A 146 -33.58 0.55 -3.23
N GLU A 147 -32.71 0.67 -4.22
CA GLU A 147 -32.07 -0.51 -4.77
C GLU A 147 -30.67 -0.70 -4.18
N VAL A 148 -30.61 -0.86 -2.86
CA VAL A 148 -29.38 -1.14 -2.11
C VAL A 148 -29.23 -2.65 -1.88
N PRO A 149 -28.32 -3.32 -2.61
CA PRO A 149 -28.10 -4.77 -2.57
C PRO A 149 -27.73 -5.29 -1.18
N ASP A 150 -27.62 -6.61 -1.00
CA ASP A 150 -27.33 -7.17 0.32
C ASP A 150 -25.82 -7.30 0.51
N ILE A 151 -25.13 -7.62 -0.58
CA ILE A 151 -23.68 -7.57 -0.63
C ILE A 151 -23.23 -6.50 -1.62
N LEU A 152 -22.87 -5.35 -1.07
CA LEU A 152 -22.49 -4.20 -1.86
C LEU A 152 -21.21 -4.53 -2.66
N GLU A 153 -21.36 -4.78 -3.96
CA GLU A 153 -20.23 -5.20 -4.80
C GLU A 153 -19.54 -4.01 -5.50
N VAL A 154 -18.27 -4.17 -5.88
CA VAL A 154 -17.60 -3.28 -6.85
C VAL A 154 -16.74 -4.13 -7.78
N HIS A 155 -17.05 -4.12 -9.09
CA HIS A 155 -16.38 -5.02 -10.04
C HIS A 155 -15.31 -4.19 -10.78
N LEU A 156 -14.07 -4.69 -10.76
CA LEU A 156 -12.95 -4.07 -11.51
C LEU A 156 -12.30 -5.12 -12.40
N PRO A 157 -12.54 -5.07 -13.72
CA PRO A 157 -11.84 -6.06 -14.55
C PRO A 157 -10.50 -5.55 -15.09
N HIS A 158 -9.52 -6.45 -15.17
CA HIS A 158 -8.21 -6.16 -15.72
C HIS A 158 -7.59 -5.03 -14.92
N ALA A 159 -7.54 -5.22 -13.61
CA ALA A 159 -7.10 -4.17 -12.69
C ALA A 159 -5.69 -3.74 -13.00
N GLN A 160 -5.48 -2.43 -13.15
CA GLN A 160 -4.15 -1.91 -13.43
C GLN A 160 -3.42 -1.59 -12.14
N PRO A 161 -2.08 -1.51 -12.21
CA PRO A 161 -1.36 -1.35 -10.93
C PRO A 161 -1.56 0.03 -10.27
N GLN A 162 -1.92 1.04 -11.05
CA GLN A 162 -2.19 2.38 -10.54
C GLN A 162 -3.65 2.48 -10.06
N ASP A 163 -4.23 1.33 -9.79
CA ASP A 163 -5.66 1.21 -9.55
C ASP A 163 -5.92 0.50 -8.22
N ALA A 164 -5.18 0.89 -7.18
CA ALA A 164 -5.28 0.18 -5.90
C ALA A 164 -5.12 1.12 -4.73
N GLY A 165 -5.30 0.58 -3.53
CA GLY A 165 -5.24 1.39 -2.33
C GLY A 165 -6.27 0.96 -1.30
N VAL A 166 -6.77 1.92 -0.53
CA VAL A 166 -7.79 1.65 0.48
C VAL A 166 -9.17 2.11 0.01
N TYR A 167 -10.12 1.18 0.05
CA TYR A 167 -11.52 1.45 -0.32
C TYR A 167 -12.46 1.63 0.89
N SER A 168 -13.38 2.60 0.79
CA SER A 168 -14.37 2.91 1.84
C SER A 168 -15.79 2.47 1.44
N ALA A 169 -16.73 2.60 2.37
CA ALA A 169 -18.16 2.37 2.11
C ALA A 169 -19.03 2.87 3.27
N ARG A 170 -19.84 3.88 3.01
CA ARG A 170 -20.70 4.45 4.03
C ARG A 170 -22.06 4.79 3.47
N TYR A 171 -23.00 5.09 4.38
CA TYR A 171 -24.32 5.60 4.03
C TYR A 171 -24.29 7.11 3.85
N ILE A 172 -24.01 7.53 2.61
CA ILE A 172 -23.88 8.92 2.14
C ILE A 172 -23.82 10.10 3.17
N GLY A 173 -24.92 10.38 3.86
CA GLY A 173 -24.93 11.42 4.87
C GLY A 173 -24.20 10.91 6.10
N GLY A 174 -22.87 10.95 6.00
CA GLY A 174 -22.04 10.39 7.04
C GLY A 174 -20.59 10.87 7.02
N ASN A 175 -19.88 10.43 8.05
CA ASN A 175 -18.46 10.71 8.24
C ASN A 175 -17.62 10.05 7.15
N LEU A 176 -16.43 10.60 6.92
CA LEU A 176 -15.41 9.89 6.18
C LEU A 176 -14.81 8.86 7.18
N PHE A 177 -15.44 8.77 8.35
CA PHE A 177 -15.00 7.93 9.47
C PHE A 177 -16.05 6.89 9.92
N THR A 178 -17.33 7.10 9.64
CA THR A 178 -18.33 6.06 9.96
C THR A 178 -18.23 4.91 9.01
N SER A 179 -17.32 5.03 8.04
CA SER A 179 -17.21 4.09 6.94
C SER A 179 -16.70 2.70 7.35
N ALA A 180 -16.54 1.84 6.35
CA ALA A 180 -15.90 0.52 6.49
C ALA A 180 -14.77 0.37 5.45
N PHE A 181 -13.61 -0.14 5.85
CA PHE A 181 -12.41 -0.11 5.00
C PHE A 181 -11.90 -1.47 4.51
N THR A 182 -11.58 -1.56 3.22
CA THR A 182 -10.88 -2.73 2.63
C THR A 182 -9.70 -2.24 1.75
N ARG A 183 -8.56 -2.95 1.81
CA ARG A 183 -7.34 -2.58 1.06
C ARG A 183 -7.13 -3.49 -0.15
N LEU A 184 -6.79 -2.90 -1.29
CA LEU A 184 -6.59 -3.67 -2.51
C LEU A 184 -5.15 -3.54 -2.98
N ILE A 185 -4.45 -4.67 -3.14
CA ILE A 185 -3.06 -4.69 -3.63
C ILE A 185 -2.93 -5.29 -5.01
N VAL A 186 -2.54 -4.48 -5.98
CA VAL A 186 -2.23 -5.00 -7.31
C VAL A 186 -0.76 -4.89 -7.62
N ARG A 187 -0.15 -6.03 -7.89
CA ARG A 187 1.28 -6.13 -8.19
C ARG A 187 1.53 -5.81 -9.64
N ARG A 188 2.76 -5.42 -9.96
CA ARG A 188 3.12 -5.03 -11.31
C ARG A 188 2.85 -6.11 -12.38
N CYS A 189 3.05 -7.37 -12.03
CA CYS A 189 3.00 -8.47 -13.00
C CYS A 189 1.96 -9.52 -12.65
N GLU A 190 1.66 -10.39 -13.61
CA GLU A 190 0.69 -11.44 -13.36
C GLU A 190 1.27 -12.50 -12.42
N ALA A 191 0.40 -13.32 -11.83
CA ALA A 191 0.81 -14.35 -10.88
C ALA A 191 1.91 -15.21 -11.48
N GLN A 192 2.86 -15.60 -10.63
CA GLN A 192 4.02 -16.37 -11.04
C GLN A 192 4.95 -15.63 -12.03
N LYS A 193 4.70 -14.34 -12.29
CA LYS A 193 5.65 -13.52 -13.03
C LYS A 193 6.18 -12.41 -12.12
N TRP A 194 7.49 -12.20 -12.13
CA TRP A 194 8.10 -11.10 -11.39
C TRP A 194 9.28 -10.52 -12.16
N GLY A 195 9.82 -9.41 -11.66
CA GLY A 195 11.00 -8.81 -12.28
C GLY A 195 10.74 -7.39 -12.69
N PRO A 196 11.77 -6.70 -13.20
CA PRO A 196 11.67 -5.28 -13.61
C PRO A 196 10.90 -5.04 -14.89
N GLU A 197 10.40 -6.11 -15.53
CA GLU A 197 9.67 -6.01 -16.78
C GLU A 197 8.59 -7.11 -16.93
N CYS A 198 8.62 -8.08 -16.01
CA CYS A 198 7.78 -9.30 -15.99
C CYS A 198 8.33 -10.48 -16.82
N ASN A 199 9.66 -10.56 -16.91
CA ASN A 199 10.34 -11.57 -17.74
C ASN A 199 11.04 -12.67 -16.96
N HIS A 200 10.70 -12.81 -15.69
CA HIS A 200 11.21 -13.90 -14.87
C HIS A 200 10.01 -14.59 -14.24
N LEU A 201 10.25 -15.65 -13.48
CA LEU A 201 9.16 -16.35 -12.85
C LEU A 201 9.43 -16.49 -11.37
N CYS A 202 8.36 -16.60 -10.60
CA CYS A 202 8.48 -16.65 -9.16
C CYS A 202 8.96 -18.01 -8.71
N THR A 203 9.66 -18.03 -7.58
CA THR A 203 9.75 -19.24 -6.79
C THR A 203 8.30 -19.56 -6.58
N ALA A 204 7.87 -20.73 -6.98
CA ALA A 204 6.47 -21.08 -6.78
C ALA A 204 6.23 -21.32 -5.28
N CYS A 205 5.39 -20.48 -4.68
CA CYS A 205 5.13 -20.50 -3.25
C CYS A 205 3.83 -21.19 -2.97
N MET A 206 3.89 -22.33 -2.30
CA MET A 206 2.69 -23.08 -1.97
C MET A 206 2.02 -22.44 -0.76
N ASN A 207 1.09 -23.16 -0.13
CA ASN A 207 0.45 -22.67 1.08
C ASN A 207 0.01 -21.20 1.08
N ASN A 208 -0.50 -20.74 -0.07
CA ASN A 208 -1.02 -19.38 -0.17
C ASN A 208 0.04 -18.29 -0.05
N GLY A 209 1.31 -18.64 -0.23
CA GLY A 209 2.35 -17.64 -0.21
C GLY A 209 2.10 -16.61 -1.28
N VAL A 210 2.74 -15.44 -1.20
CA VAL A 210 2.63 -14.45 -2.28
C VAL A 210 3.98 -14.07 -2.87
N CYS A 211 4.08 -14.16 -4.19
CA CYS A 211 5.36 -13.96 -4.84
C CYS A 211 5.72 -12.49 -5.09
N HIS A 212 6.70 -11.97 -4.34
CA HIS A 212 7.15 -10.58 -4.48
C HIS A 212 7.51 -10.29 -5.93
N GLU A 213 7.00 -9.18 -6.44
CA GLU A 213 7.24 -8.78 -7.82
C GLU A 213 8.57 -8.04 -8.01
N ASP A 214 9.34 -7.86 -6.94
CA ASP A 214 10.64 -7.21 -7.03
C ASP A 214 11.77 -8.21 -6.87
N THR A 215 11.52 -9.30 -6.16
CA THR A 215 12.60 -10.25 -5.87
C THR A 215 12.38 -11.67 -6.40
N GLY A 216 11.14 -12.03 -6.66
CA GLY A 216 10.84 -13.38 -7.13
C GLY A 216 10.82 -14.38 -6.00
N GLU A 217 11.18 -13.91 -4.80
CA GLU A 217 11.03 -14.70 -3.60
C GLU A 217 9.63 -14.56 -3.03
N CYS A 218 9.29 -15.39 -2.06
CA CYS A 218 7.94 -15.39 -1.49
C CYS A 218 7.86 -14.80 -0.08
N ILE A 219 6.85 -13.93 0.16
CA ILE A 219 6.47 -13.54 1.54
C ILE A 219 5.45 -14.54 2.08
N CYS A 220 5.88 -15.30 3.07
CA CYS A 220 5.12 -16.46 3.54
C CYS A 220 4.04 -16.09 4.55
N PRO A 221 2.96 -16.89 4.64
CA PRO A 221 1.93 -16.66 5.66
C PRO A 221 2.45 -17.15 6.99
N PRO A 222 2.08 -16.44 8.07
CA PRO A 222 2.46 -16.66 9.48
C PRO A 222 2.27 -18.10 9.99
N GLY A 223 3.39 -18.79 10.19
CA GLY A 223 3.39 -20.18 10.64
C GLY A 223 3.93 -21.07 9.54
N PHE A 224 4.44 -20.45 8.49
CA PHE A 224 5.06 -21.12 7.34
C PHE A 224 6.30 -20.37 6.89
N MET A 225 7.27 -21.12 6.36
CA MET A 225 8.50 -20.55 5.83
C MET A 225 9.14 -21.41 4.74
N GLY A 226 10.34 -21.02 4.32
CA GLY A 226 10.95 -21.59 3.15
C GLY A 226 11.02 -20.49 2.12
N ARG A 227 11.36 -20.84 0.89
CA ARG A 227 11.39 -19.89 -0.20
C ARG A 227 10.07 -20.10 -0.89
N THR A 228 9.54 -21.29 -0.66
CA THR A 228 8.32 -21.77 -1.28
C THR A 228 7.24 -21.97 -0.22
N CYS A 229 7.46 -21.42 0.97
CA CYS A 229 6.45 -21.39 2.02
C CYS A 229 5.91 -22.76 2.42
N GLU A 230 6.63 -23.83 2.10
CA GLU A 230 6.09 -25.15 2.30
C GLU A 230 6.25 -25.67 3.74
N LYS A 231 6.98 -24.93 4.59
CA LYS A 231 7.43 -25.51 5.86
C LYS A 231 6.49 -25.41 7.02
N ALA A 232 6.12 -26.56 7.56
CA ALA A 232 5.18 -26.65 8.68
C ALA A 232 5.76 -26.11 9.99
N CYS A 233 5.75 -24.78 10.13
CA CYS A 233 6.30 -24.12 11.31
C CYS A 233 5.56 -24.57 12.54
N GLU A 234 6.28 -24.55 13.65
CA GLU A 234 5.82 -25.12 14.90
C GLU A 234 4.48 -24.53 15.34
N LEU A 235 3.86 -25.18 16.32
CA LEU A 235 2.60 -24.74 16.88
C LEU A 235 2.69 -23.39 17.60
N HIS A 236 1.87 -22.45 17.15
CA HIS A 236 1.73 -21.15 17.77
C HIS A 236 3.03 -20.35 17.62
N THR A 237 3.56 -20.36 16.40
CA THR A 237 4.79 -19.62 16.03
C THR A 237 4.62 -18.92 14.69
N PHE A 238 5.24 -17.76 14.52
CA PHE A 238 5.13 -17.02 13.26
C PHE A 238 6.37 -16.23 12.81
N GLY A 239 6.32 -15.73 11.58
CA GLY A 239 7.35 -14.82 11.09
C GLY A 239 8.07 -15.24 9.83
N ARG A 240 9.33 -14.80 9.71
CA ARG A 240 10.20 -15.18 8.59
C ARG A 240 10.82 -16.53 8.91
N THR A 241 11.23 -16.68 10.18
CA THR A 241 11.96 -17.86 10.61
C THR A 241 11.33 -18.41 11.86
N CYS A 242 10.09 -18.01 12.09
CA CYS A 242 9.23 -18.65 13.07
C CYS A 242 9.85 -18.79 14.48
N LYS A 243 10.50 -17.72 14.92
CA LYS A 243 11.03 -17.66 16.27
C LYS A 243 10.10 -16.89 17.24
N GLU A 244 8.95 -16.44 16.77
CA GLU A 244 8.05 -15.62 17.59
C GLU A 244 6.79 -16.34 18.12
N ARG A 245 6.37 -16.00 19.35
CA ARG A 245 5.24 -16.68 20.01
C ARG A 245 3.95 -15.88 20.09
N CYS A 246 2.84 -16.52 19.81
CA CYS A 246 1.56 -15.93 20.12
C CYS A 246 1.36 -15.99 21.63
N SER A 247 0.99 -14.83 22.19
CA SER A 247 0.83 -14.69 23.62
C SER A 247 -0.32 -15.57 24.14
N GLY A 248 -1.52 -15.23 23.68
CA GLY A 248 -2.79 -15.85 24.08
C GLY A 248 -2.94 -17.37 24.10
N GLN A 249 -3.24 -17.88 25.29
CA GLN A 249 -3.36 -19.31 25.60
C GLN A 249 -4.07 -20.18 24.56
N GLU A 250 -4.93 -19.55 23.75
CA GLU A 250 -5.60 -20.26 22.66
C GLU A 250 -4.91 -19.87 21.34
N GLY A 251 -3.64 -19.48 21.43
CA GLY A 251 -2.91 -19.15 20.23
C GLY A 251 -3.33 -17.79 19.72
N CYS A 252 -3.74 -17.75 18.45
CA CYS A 252 -3.89 -16.47 17.77
C CYS A 252 -5.33 -16.08 17.38
N LYS A 253 -6.26 -16.60 18.18
CA LYS A 253 -7.70 -16.43 17.98
C LYS A 253 -8.16 -14.98 18.13
N SER A 254 -7.27 -14.03 17.86
CA SER A 254 -7.66 -12.63 17.86
C SER A 254 -6.50 -11.75 17.46
N TYR A 255 -5.51 -12.30 16.77
CA TYR A 255 -4.45 -11.47 16.26
C TYR A 255 -4.57 -11.47 14.79
N VAL A 256 -4.78 -10.26 14.26
CA VAL A 256 -4.83 -10.00 12.84
C VAL A 256 -3.41 -9.63 12.44
N PHE A 257 -2.74 -10.46 11.62
CA PHE A 257 -1.35 -10.20 11.23
C PHE A 257 -1.27 -9.31 10.01
N CYS A 258 -0.15 -8.63 9.84
CA CYS A 258 0.03 -7.84 8.63
C CYS A 258 1.49 -7.80 8.12
N LEU A 259 1.63 -7.92 6.80
CA LEU A 259 2.90 -8.30 6.19
C LEU A 259 3.34 -7.36 5.06
N PRO A 260 4.66 -7.32 4.79
CA PRO A 260 5.30 -6.52 3.75
C PRO A 260 4.44 -6.37 2.52
N ASP A 261 4.41 -5.17 1.96
CA ASP A 261 3.32 -4.77 1.07
C ASP A 261 2.79 -5.81 0.04
N PRO A 262 3.68 -6.55 -0.66
CA PRO A 262 3.18 -7.53 -1.64
C PRO A 262 2.24 -8.66 -1.13
N TYR A 263 2.01 -8.71 0.18
CA TYR A 263 1.12 -9.71 0.80
C TYR A 263 -0.26 -9.19 1.22
N GLY A 264 -0.29 -8.13 2.03
CA GLY A 264 -1.54 -7.65 2.62
C GLY A 264 -1.64 -8.15 4.05
N CYS A 265 -2.86 -8.33 4.55
CA CYS A 265 -3.07 -8.86 5.91
C CYS A 265 -3.96 -10.14 5.96
N SER A 266 -3.94 -10.82 7.11
CA SER A 266 -4.54 -12.14 7.28
C SER A 266 -4.49 -12.66 8.72
N CYS A 267 -5.32 -13.66 9.03
CA CYS A 267 -5.30 -14.34 10.32
C CYS A 267 -4.09 -15.27 10.43
N ALA A 268 -3.83 -15.77 11.64
CA ALA A 268 -2.87 -16.86 11.80
C ALA A 268 -3.46 -18.08 11.12
N THR A 269 -2.61 -19.00 10.70
CA THR A 269 -3.15 -20.17 10.04
C THR A 269 -3.91 -21.08 11.03
N GLY A 270 -5.23 -21.11 10.89
CA GLY A 270 -6.08 -21.83 11.81
C GLY A 270 -7.34 -21.06 12.18
N TRP A 271 -7.52 -19.90 11.53
CA TRP A 271 -8.58 -18.98 11.91
C TRP A 271 -9.26 -18.27 10.75
N LYS A 272 -10.56 -18.51 10.63
CA LYS A 272 -11.47 -17.94 9.64
C LYS A 272 -12.07 -16.65 10.21
N GLY A 273 -12.38 -15.69 9.36
CA GLY A 273 -13.16 -14.56 9.84
C GLY A 273 -12.53 -13.20 9.68
N LEU A 274 -13.27 -12.17 10.13
CA LEU A 274 -12.80 -10.80 10.09
C LEU A 274 -11.97 -10.54 11.33
N GLN A 275 -12.26 -11.29 12.38
CA GLN A 275 -11.62 -11.08 13.66
C GLN A 275 -10.80 -12.28 14.04
N CYS A 276 -10.69 -13.23 13.12
CA CYS A 276 -9.97 -14.46 13.38
C CYS A 276 -10.56 -15.20 14.57
N ASN A 277 -11.78 -14.85 14.93
CA ASN A 277 -12.41 -15.45 16.09
C ASN A 277 -12.90 -16.85 15.75
N GLU A 278 -13.03 -17.12 14.45
CA GLU A 278 -13.81 -18.27 13.95
C GLU A 278 -12.90 -19.48 13.66
N ALA A 279 -13.16 -20.63 14.32
CA ALA A 279 -12.41 -21.86 14.04
C ALA A 279 -12.56 -22.23 12.57
N CYS A 280 -11.71 -23.13 12.08
CA CYS A 280 -11.76 -23.46 10.67
C CYS A 280 -12.56 -24.74 10.38
N HIS A 281 -13.46 -24.65 9.40
CA HIS A 281 -14.30 -25.80 9.02
C HIS A 281 -13.44 -26.94 8.48
N PRO A 282 -13.67 -28.17 8.97
CA PRO A 282 -12.82 -29.37 8.75
C PRO A 282 -12.45 -29.60 7.29
N GLY A 283 -11.19 -29.93 7.02
CA GLY A 283 -10.74 -30.16 5.65
C GLY A 283 -10.08 -28.94 5.03
N PHE A 284 -10.01 -27.90 5.85
CA PHE A 284 -9.37 -26.64 5.47
C PHE A 284 -8.31 -26.29 6.53
N TYR A 285 -7.24 -25.62 6.10
CA TYR A 285 -6.13 -25.49 7.02
C TYR A 285 -5.30 -24.20 7.00
N GLY A 286 -5.26 -23.51 5.87
CA GLY A 286 -4.34 -22.36 5.76
C GLY A 286 -4.55 -21.09 6.60
N PRO A 287 -4.05 -19.96 6.09
CA PRO A 287 -4.42 -18.65 6.66
C PRO A 287 -5.81 -18.25 6.16
N ASP A 288 -6.71 -17.92 7.10
CA ASP A 288 -8.14 -17.66 6.84
C ASP A 288 -8.86 -18.98 6.55
N CYS A 289 -8.12 -20.08 6.70
CA CYS A 289 -8.58 -21.41 6.32
C CYS A 289 -8.73 -21.59 4.80
N LYS A 290 -8.12 -20.68 4.03
CA LYS A 290 -8.19 -20.70 2.55
C LYS A 290 -7.41 -21.82 1.83
N LEU A 291 -7.16 -22.95 2.50
CA LEU A 291 -6.44 -24.03 1.84
C LEU A 291 -7.16 -25.32 2.11
N ARG A 292 -7.44 -26.09 1.05
CA ARG A 292 -8.23 -27.31 1.15
C ARG A 292 -7.37 -28.56 1.15
N CYS A 293 -7.68 -29.48 2.06
CA CYS A 293 -6.86 -30.68 2.24
C CYS A 293 -7.07 -31.80 1.21
N SER A 294 -6.06 -32.00 0.36
CA SER A 294 -6.13 -33.03 -0.68
C SER A 294 -5.27 -34.25 -0.34
N CYS A 295 -5.32 -34.65 0.93
CA CYS A 295 -4.57 -35.80 1.42
C CYS A 295 -4.90 -37.09 0.66
N ASN A 296 -3.90 -37.62 -0.05
CA ASN A 296 -4.07 -38.73 -1.00
C ASN A 296 -4.58 -40.04 -0.42
N ASN A 297 -3.98 -40.45 0.68
CA ASN A 297 -4.28 -41.73 1.27
C ASN A 297 -4.93 -41.51 2.61
N GLY A 298 -5.59 -40.37 2.76
CA GLY A 298 -6.42 -40.10 3.91
C GLY A 298 -5.69 -39.92 5.23
N GLU A 299 -4.79 -38.95 5.29
CA GLU A 299 -4.13 -38.64 6.53
C GLU A 299 -4.84 -37.44 7.15
N MET A 300 -4.86 -37.38 8.48
CA MET A 300 -5.62 -36.36 9.21
C MET A 300 -5.35 -34.94 8.71
N CYS A 301 -6.33 -34.05 8.89
CA CYS A 301 -6.16 -32.68 8.46
C CYS A 301 -6.12 -31.72 9.65
N ASP A 302 -5.07 -30.89 9.66
CA ASP A 302 -4.84 -29.95 10.76
C ASP A 302 -5.08 -28.50 10.35
N ARG A 303 -6.10 -27.91 10.99
CA ARG A 303 -6.47 -26.50 10.89
C ARG A 303 -5.28 -25.55 11.02
N PHE A 304 -4.17 -26.03 11.58
CA PHE A 304 -2.95 -25.22 11.75
C PHE A 304 -1.85 -25.48 10.65
N GLN A 305 -1.60 -26.75 10.28
CA GLN A 305 -0.41 -27.11 9.48
C GLN A 305 -0.60 -27.78 8.12
N GLY A 306 -1.68 -28.56 8.00
CA GLY A 306 -1.97 -29.25 6.75
C GLY A 306 -2.00 -30.75 6.92
N CYS A 307 -1.32 -31.45 6.04
CA CYS A 307 -1.33 -32.90 6.06
C CYS A 307 -0.32 -33.49 7.03
N LEU A 308 -0.78 -34.46 7.81
CA LEU A 308 0.07 -35.06 8.83
C LEU A 308 0.51 -36.44 8.38
N CYS A 309 1.39 -36.46 7.39
CA CYS A 309 1.82 -37.70 6.74
C CYS A 309 2.23 -38.83 7.68
N SER A 310 1.85 -40.05 7.30
CA SER A 310 2.33 -41.28 7.92
C SER A 310 3.86 -41.25 7.88
N PRO A 311 4.52 -41.82 8.89
CA PRO A 311 5.99 -41.87 8.93
C PRO A 311 6.63 -42.35 7.61
N GLY A 312 7.47 -41.50 7.02
CA GLY A 312 8.21 -41.89 5.82
C GLY A 312 7.68 -41.22 4.57
N TRP A 313 6.55 -40.57 4.72
CA TRP A 313 5.99 -39.78 3.64
C TRP A 313 6.11 -38.35 4.07
N GLN A 314 6.42 -37.46 3.13
CA GLN A 314 6.33 -36.02 3.35
C GLN A 314 5.82 -35.37 2.08
N GLY A 315 5.34 -34.13 2.21
CA GLY A 315 4.83 -33.41 1.07
C GLY A 315 3.50 -32.71 1.34
N LEU A 316 3.17 -31.74 0.49
CA LEU A 316 1.95 -30.92 0.64
C LEU A 316 0.74 -31.80 0.92
N GLN A 317 0.68 -32.94 0.25
CA GLN A 317 -0.47 -33.83 0.35
C GLN A 317 -0.06 -35.29 0.58
N CYS A 318 1.11 -35.49 1.18
CA CYS A 318 1.66 -36.84 1.34
C CYS A 318 1.75 -37.53 -0.01
N GLU A 319 2.28 -36.77 -0.97
CA GLU A 319 2.35 -37.18 -2.37
C GLU A 319 3.79 -37.41 -2.80
N ARG A 320 4.56 -38.07 -1.94
CA ARG A 320 5.97 -38.25 -2.19
C ARG A 320 6.52 -38.99 -1.00
N GLU A 321 7.42 -39.92 -1.28
CA GLU A 321 8.12 -40.62 -0.24
C GLU A 321 9.55 -40.18 -0.39
N GLY A 322 10.36 -40.52 0.59
CA GLY A 322 11.75 -40.08 0.60
C GLY A 322 12.17 -39.88 2.03
N ILE A 323 13.42 -39.48 2.21
CA ILE A 323 13.92 -39.18 3.54
C ILE A 323 13.19 -37.92 4.06
N PRO A 324 12.87 -37.90 5.35
CA PRO A 324 12.15 -36.77 5.94
C PRO A 324 12.99 -35.49 5.91
N ARG A 325 12.72 -34.61 4.95
CA ARG A 325 13.52 -33.40 4.69
C ARG A 325 13.81 -32.54 5.94
N MET A 326 15.09 -32.37 6.29
CA MET A 326 15.44 -31.62 7.49
C MET A 326 15.85 -30.18 7.20
N THR A 327 15.30 -29.27 8.00
CA THR A 327 15.54 -27.84 7.86
C THR A 327 17.00 -27.51 8.24
N PRO A 328 17.68 -26.66 7.44
CA PRO A 328 19.11 -26.33 7.61
C PRO A 328 19.46 -25.84 9.01
N LYS A 329 20.74 -25.94 9.39
CA LYS A 329 21.25 -25.36 10.62
C LYS A 329 22.65 -24.82 10.38
N ILE A 330 22.90 -23.59 10.80
CA ILE A 330 24.21 -23.00 10.61
C ILE A 330 25.20 -23.51 11.67
N VAL A 331 26.21 -24.23 11.16
CA VAL A 331 27.17 -25.00 11.94
C VAL A 331 28.56 -24.41 11.90
N ASP A 332 29.29 -24.64 12.99
CA ASP A 332 30.61 -24.07 13.21
C ASP A 332 30.72 -22.58 12.91
N LEU A 333 29.80 -21.86 13.53
CA LEU A 333 29.92 -20.43 13.67
C LEU A 333 30.19 -20.18 15.16
N PRO A 334 31.17 -19.30 15.43
CA PRO A 334 31.41 -18.88 16.81
C PRO A 334 30.61 -17.63 17.11
N ASP A 335 30.71 -17.22 18.36
CA ASP A 335 29.97 -16.09 18.89
C ASP A 335 30.70 -14.78 18.51
N HIS A 336 32.03 -14.76 18.70
CA HIS A 336 32.86 -13.55 18.48
C HIS A 336 33.88 -13.67 17.31
N ILE A 337 34.43 -12.53 16.86
CA ILE A 337 35.21 -12.48 15.61
C ILE A 337 36.61 -11.79 15.64
N GLU A 338 36.67 -10.46 15.60
CA GLU A 338 37.96 -9.72 15.53
C GLU A 338 38.84 -10.07 14.32
N VAL A 339 38.64 -9.38 13.20
CA VAL A 339 39.55 -9.53 12.05
C VAL A 339 40.19 -8.18 11.78
N ASN A 340 41.38 -8.19 11.19
CA ASN A 340 42.07 -6.94 10.89
C ASN A 340 41.73 -6.38 9.52
N SER A 341 41.93 -5.07 9.40
CA SER A 341 41.28 -4.29 8.36
C SER A 341 41.90 -4.45 6.97
N GLY A 342 41.24 -5.23 6.13
CA GLY A 342 41.61 -5.36 4.73
C GLY A 342 40.66 -6.25 3.96
N LYS A 343 41.16 -6.90 2.92
CA LYS A 343 40.39 -7.88 2.17
C LYS A 343 39.92 -8.93 3.15
N PHE A 344 38.79 -9.55 2.85
CA PHE A 344 38.22 -10.44 3.81
C PHE A 344 37.26 -11.42 3.16
N ASN A 345 37.51 -12.69 3.47
CA ASN A 345 36.81 -13.80 2.89
C ASN A 345 36.17 -14.61 4.03
N PRO A 346 34.90 -14.28 4.35
CA PRO A 346 33.96 -14.85 5.33
C PRO A 346 33.27 -16.11 4.84
N ILE A 347 33.05 -17.06 5.74
CA ILE A 347 32.63 -18.42 5.37
C ILE A 347 31.46 -18.99 6.16
N CYS A 348 30.31 -19.13 5.51
CA CYS A 348 29.10 -19.69 6.10
C CYS A 348 29.00 -21.20 5.92
N LYS A 349 28.77 -21.94 7.00
CA LYS A 349 28.60 -23.38 6.86
C LYS A 349 27.28 -23.88 7.41
N ALA A 350 26.51 -24.59 6.56
CA ALA A 350 25.13 -24.98 6.86
C ALA A 350 24.81 -26.44 6.53
N SER A 351 24.32 -27.18 7.53
CA SER A 351 23.92 -28.57 7.35
C SER A 351 22.60 -28.71 6.59
N GLY A 352 21.78 -29.67 7.00
CA GLY A 352 20.44 -29.84 6.47
C GLY A 352 20.31 -30.65 5.20
N TRP A 353 19.21 -31.41 5.06
CA TRP A 353 19.07 -32.34 3.94
C TRP A 353 18.69 -31.70 2.60
N PRO A 354 17.71 -30.80 2.60
CA PRO A 354 17.60 -29.90 1.44
C PRO A 354 18.95 -29.31 0.98
N LEU A 355 20.00 -29.54 1.77
CA LEU A 355 21.42 -29.27 1.47
C LEU A 355 21.61 -28.08 0.57
N PRO A 356 21.74 -26.90 1.19
CA PRO A 356 21.82 -25.57 0.58
C PRO A 356 22.63 -25.49 -0.71
N THR A 357 22.23 -24.57 -1.58
CA THR A 357 22.95 -24.30 -2.81
C THR A 357 23.18 -22.82 -2.75
N ASN A 358 24.31 -22.33 -3.26
CA ASN A 358 24.73 -20.94 -3.02
C ASN A 358 23.70 -19.85 -3.42
N GLU A 359 22.71 -20.25 -4.20
CA GLU A 359 21.53 -19.43 -4.47
C GLU A 359 20.92 -19.05 -3.11
N GLU A 360 20.79 -20.08 -2.27
CA GLU A 360 20.09 -20.07 -0.97
C GLU A 360 20.90 -19.59 0.26
N MET A 361 22.15 -19.17 0.06
CA MET A 361 23.03 -18.79 1.17
C MET A 361 23.47 -17.33 1.06
N THR A 362 23.28 -16.57 2.14
CA THR A 362 23.68 -15.18 2.16
C THR A 362 24.18 -14.68 3.52
N LEU A 363 24.71 -13.48 3.51
CA LEU A 363 25.36 -12.86 4.65
C LEU A 363 24.76 -11.45 4.78
N VAL A 364 24.67 -10.91 5.99
CA VAL A 364 24.13 -9.56 6.10
C VAL A 364 24.96 -8.55 6.85
N LYS A 365 25.55 -7.61 6.13
CA LYS A 365 26.36 -6.55 6.73
C LYS A 365 25.49 -5.88 7.81
N PRO A 366 26.08 -5.46 8.94
CA PRO A 366 25.33 -4.86 10.06
C PRO A 366 24.43 -3.77 9.53
N ASP A 367 24.87 -3.05 8.49
CA ASP A 367 23.99 -2.09 7.85
C ASP A 367 22.76 -2.75 7.23
N GLY A 368 22.89 -3.98 6.76
CA GLY A 368 21.73 -4.71 6.31
C GLY A 368 21.72 -4.99 4.83
N THR A 369 22.91 -5.02 4.21
CA THR A 369 23.04 -5.44 2.82
C THR A 369 23.22 -6.93 2.73
N VAL A 370 22.68 -7.47 1.64
CA VAL A 370 22.80 -8.86 1.32
C VAL A 370 24.07 -9.02 0.50
N LEU A 371 24.91 -9.97 0.92
CA LEU A 371 26.11 -10.34 0.20
C LEU A 371 25.89 -11.75 -0.33
N HIS A 372 26.34 -12.01 -1.54
CA HIS A 372 26.15 -13.32 -2.17
C HIS A 372 27.48 -14.03 -2.31
N PRO A 373 27.45 -15.38 -2.34
CA PRO A 373 28.65 -16.19 -2.53
C PRO A 373 29.44 -15.85 -3.82
N LYS A 374 30.70 -15.47 -3.64
CA LYS A 374 31.66 -15.25 -4.73
C LYS A 374 32.22 -16.62 -5.20
N ASP A 375 32.11 -17.63 -4.33
CA ASP A 375 32.38 -19.04 -4.69
C ASP A 375 31.63 -20.01 -3.77
N PHE A 376 31.65 -21.29 -4.14
CA PHE A 376 30.95 -22.35 -3.43
C PHE A 376 31.82 -23.63 -3.38
N ASN A 377 32.22 -24.07 -2.17
CA ASN A 377 32.75 -25.44 -1.97
C ASN A 377 31.46 -26.23 -1.71
N HIS A 378 31.57 -27.40 -1.14
CA HIS A 378 30.43 -28.24 -0.83
C HIS A 378 31.12 -29.29 0.00
N THR A 379 30.36 -30.29 0.43
CA THR A 379 30.93 -31.57 0.87
C THR A 379 29.78 -32.63 0.82
N ASP A 380 29.89 -33.71 1.59
CA ASP A 380 28.82 -34.74 1.72
C ASP A 380 27.55 -34.22 2.41
N HIS A 381 27.77 -33.64 3.60
CA HIS A 381 26.81 -32.83 4.34
C HIS A 381 27.49 -31.46 4.42
N PHE A 382 26.72 -30.40 4.70
CA PHE A 382 27.21 -29.02 4.75
C PHE A 382 27.69 -28.43 3.43
N SER A 383 26.85 -27.62 2.80
CA SER A 383 27.31 -26.76 1.73
C SER A 383 28.10 -25.68 2.43
N VAL A 384 29.05 -25.11 1.72
CA VAL A 384 29.93 -24.11 2.30
C VAL A 384 30.06 -22.91 1.36
N ALA A 385 29.78 -21.72 1.86
CA ALA A 385 29.76 -20.52 1.03
C ALA A 385 30.78 -19.47 1.46
N ILE A 386 31.50 -18.93 0.48
CA ILE A 386 32.53 -17.93 0.75
C ILE A 386 32.27 -16.59 0.06
N PHE A 387 32.51 -15.49 0.78
CA PHE A 387 32.11 -14.15 0.38
C PHE A 387 33.34 -13.26 0.37
N THR A 388 33.24 -12.07 -0.22
CA THR A 388 34.39 -11.16 -0.17
C THR A 388 34.02 -9.72 0.04
N ILE A 389 34.78 -9.06 0.90
CA ILE A 389 34.74 -7.62 1.04
C ILE A 389 36.09 -7.01 0.61
N HIS A 390 36.00 -6.18 -0.43
CA HIS A 390 36.95 -5.14 -0.80
C HIS A 390 38.02 -4.82 0.26
N ARG A 391 37.72 -3.84 1.11
CA ARG A 391 38.40 -3.63 2.40
C ARG A 391 37.33 -3.57 3.49
N ILE A 392 37.44 -4.42 4.51
CA ILE A 392 36.63 -4.30 5.72
C ILE A 392 37.33 -3.38 6.74
N LEU A 393 36.60 -2.41 7.27
CA LEU A 393 37.21 -1.41 8.14
C LEU A 393 36.61 -1.50 9.57
N PRO A 394 37.07 -0.65 10.51
CA PRO A 394 36.51 -0.74 11.88
C PRO A 394 35.08 -0.23 12.09
N PRO A 395 34.54 0.64 11.21
CA PRO A 395 33.09 0.92 11.24
C PRO A 395 32.12 -0.26 10.93
N ASP A 396 32.58 -1.35 10.31
CA ASP A 396 31.75 -2.55 10.11
C ASP A 396 31.77 -3.46 11.36
N SER A 397 32.21 -2.90 12.47
CA SER A 397 32.25 -3.63 13.72
C SER A 397 30.84 -3.73 14.29
N GLY A 398 30.27 -4.92 14.27
CA GLY A 398 28.92 -5.10 14.80
C GLY A 398 28.41 -6.53 14.72
N VAL A 399 27.11 -6.73 14.49
CA VAL A 399 26.60 -8.08 14.27
C VAL A 399 26.30 -8.31 12.80
N TRP A 400 26.69 -9.49 12.34
CA TRP A 400 26.46 -9.94 10.99
C TRP A 400 25.74 -11.27 11.19
N VAL A 401 25.02 -11.72 10.16
CA VAL A 401 24.28 -12.95 10.25
C VAL A 401 24.35 -13.75 8.97
N CYS A 402 24.46 -15.06 9.17
CA CYS A 402 24.39 -16.06 8.13
C CYS A 402 22.94 -16.31 7.84
N SER A 403 22.54 -16.11 6.58
CA SER A 403 21.19 -16.42 6.16
C SER A 403 21.16 -17.62 5.25
N VAL A 404 20.56 -18.68 5.77
CA VAL A 404 20.30 -19.89 4.99
C VAL A 404 18.81 -20.14 4.84
N ASN A 405 18.36 -20.11 3.58
CA ASN A 405 16.96 -20.20 3.22
C ASN A 405 16.69 -21.26 2.15
N THR A 406 16.54 -22.52 2.55
CA THR A 406 16.20 -23.58 1.62
C THR A 406 14.71 -23.73 1.59
N VAL A 407 14.26 -24.75 0.85
CA VAL A 407 12.85 -24.96 0.53
C VAL A 407 12.06 -25.56 1.73
N ALA A 408 12.77 -26.24 2.61
CA ALA A 408 12.15 -26.80 3.80
C ALA A 408 12.60 -26.06 5.06
N GLY A 409 12.90 -24.78 4.91
CA GLY A 409 13.12 -23.92 6.05
C GLY A 409 14.04 -22.73 5.84
N MET A 410 14.01 -21.81 6.81
CA MET A 410 15.00 -20.74 6.89
C MET A 410 15.64 -20.71 8.28
N VAL A 411 16.96 -20.53 8.33
CA VAL A 411 17.71 -20.35 9.59
C VAL A 411 18.63 -19.14 9.45
N GLU A 412 18.85 -18.47 10.57
CA GLU A 412 19.81 -17.40 10.64
C GLU A 412 20.59 -17.56 11.94
N LYS A 413 21.90 -17.30 11.88
CA LYS A 413 22.79 -17.28 13.07
C LYS A 413 23.68 -16.05 12.96
N PRO A 414 24.02 -15.44 14.10
CA PRO A 414 24.86 -14.23 14.14
C PRO A 414 26.29 -14.41 14.69
N PHE A 415 27.12 -13.39 14.49
CA PHE A 415 28.49 -13.32 15.07
C PHE A 415 29.06 -11.86 15.20
N ASN A 416 29.32 -11.40 16.43
CA ASN A 416 29.81 -10.02 16.71
C ASN A 416 31.22 -9.89 16.14
N ILE A 417 31.41 -9.01 15.14
CA ILE A 417 32.71 -8.80 14.49
C ILE A 417 33.42 -7.52 14.94
N SER A 418 34.54 -7.66 15.63
CA SER A 418 35.23 -6.47 16.11
C SER A 418 36.46 -6.17 15.23
N VAL A 419 36.29 -5.43 14.14
CA VAL A 419 37.44 -5.09 13.30
C VAL A 419 38.44 -4.17 14.01
N LYS A 420 39.67 -4.66 14.14
CA LYS A 420 40.76 -3.96 14.80
C LYS A 420 41.67 -3.29 13.76
N VAL A 421 42.24 -2.13 14.09
CA VAL A 421 43.19 -1.49 13.17
C VAL A 421 44.62 -1.94 13.43
N LEU A 422 45.41 -1.88 12.36
CA LEU A 422 46.81 -2.28 12.36
C LEU A 422 47.66 -1.33 13.18
N PRO A 423 48.79 -1.82 13.69
CA PRO A 423 49.71 -0.96 14.46
C PRO A 423 50.33 0.24 13.70
N LYS A 424 51.47 0.11 13.02
CA LYS A 424 52.27 1.28 12.58
C LYS A 424 52.82 2.05 13.79
N PRO A 425 54.16 2.22 13.89
CA PRO A 425 54.71 2.90 15.07
C PRO A 425 54.52 4.39 14.93
N LEU A 426 54.69 5.09 16.05
CA LEU A 426 54.46 6.52 16.08
C LEU A 426 55.72 7.22 15.64
N ASN A 427 56.78 7.04 16.43
CA ASN A 427 58.01 7.80 16.23
C ASN A 427 59.09 7.14 15.36
N ALA A 428 60.04 7.96 14.92
CA ALA A 428 61.19 7.44 14.19
C ALA A 428 61.97 6.53 15.12
N PRO A 429 62.81 5.65 14.56
CA PRO A 429 63.79 5.17 15.51
C PRO A 429 64.87 6.24 15.72
N ASN A 430 65.51 6.18 16.88
CA ASN A 430 66.55 7.11 17.25
C ASN A 430 67.86 6.31 17.24
N VAL A 431 68.97 6.90 16.76
CA VAL A 431 70.24 6.18 16.61
C VAL A 431 71.15 6.30 17.84
N ILE A 432 71.70 5.19 18.30
CA ILE A 432 72.53 5.19 19.51
C ILE A 432 74.01 5.40 19.24
N ASP A 433 74.56 4.71 18.25
CA ASP A 433 76.00 4.71 18.03
C ASP A 433 76.37 4.56 16.55
N THR A 434 77.35 5.31 16.08
CA THR A 434 77.77 5.23 14.69
C THR A 434 79.16 4.63 14.64
N GLY A 435 79.64 4.30 13.44
CA GLY A 435 80.97 3.80 13.25
C GLY A 435 81.20 3.27 11.85
N HIS A 436 82.45 3.41 11.41
CA HIS A 436 83.04 2.76 10.24
C HIS A 436 82.29 1.56 9.62
N ASN A 437 81.84 0.64 10.47
CA ASN A 437 81.26 -0.61 9.97
C ASN A 437 80.00 -1.08 10.71
N PHE A 438 79.34 -0.19 11.44
CA PHE A 438 78.15 -0.57 12.22
C PHE A 438 77.32 0.63 12.68
N ALA A 439 76.11 0.35 13.15
CA ALA A 439 75.29 1.34 13.83
C ALA A 439 74.42 0.66 14.90
N VAL A 440 73.98 1.40 15.91
CA VAL A 440 73.09 0.87 16.97
C VAL A 440 71.82 1.75 17.02
N ILE A 441 70.63 1.21 17.34
CA ILE A 441 69.36 1.98 17.22
C ILE A 441 68.21 1.73 18.26
N ASN A 442 67.57 2.79 18.77
CA ASN A 442 66.31 2.67 19.56
C ASN A 442 65.19 2.52 18.55
N ILE A 443 64.78 1.27 18.31
CA ILE A 443 63.49 0.98 17.76
C ILE A 443 62.50 1.73 18.63
N SER A 444 61.76 2.65 18.02
CA SER A 444 60.67 3.34 18.70
C SER A 444 59.61 2.28 19.05
N SER A 445 58.43 2.41 18.46
CA SER A 445 57.42 1.37 18.57
C SER A 445 57.19 0.88 20.00
N GLU A 446 56.83 1.85 20.81
CA GLU A 446 55.98 1.64 21.97
C GLU A 446 54.82 2.64 21.83
N PRO A 447 55.10 3.86 21.34
CA PRO A 447 53.96 4.61 20.82
C PRO A 447 53.57 4.06 19.46
N TYR A 448 52.39 3.44 19.33
CA TYR A 448 51.96 2.86 18.04
C TYR A 448 50.57 3.28 17.62
N PHE A 449 50.42 3.53 16.32
CA PHE A 449 49.31 4.31 15.75
C PHE A 449 47.94 3.65 15.78
N GLY A 450 47.91 2.35 15.95
CA GLY A 450 46.64 1.66 15.94
C GLY A 450 46.36 1.02 17.27
N ASP A 451 46.15 -0.28 17.23
CA ASP A 451 45.78 -1.01 18.41
C ASP A 451 46.17 -2.47 18.25
N GLY A 452 45.64 -3.30 19.12
CA GLY A 452 45.92 -4.71 19.04
C GLY A 452 46.99 -5.08 20.02
N PRO A 453 47.42 -6.34 19.98
CA PRO A 453 48.59 -6.81 20.73
C PRO A 453 49.72 -6.99 19.73
N ILE A 454 50.90 -6.48 20.02
CA ILE A 454 51.99 -6.55 19.05
C ILE A 454 52.79 -7.85 19.14
N LYS A 455 52.88 -8.58 18.03
CA LYS A 455 53.43 -9.93 18.08
C LYS A 455 54.80 -10.12 17.44
N SER A 456 55.09 -9.41 16.36
CA SER A 456 56.48 -9.34 15.88
C SER A 456 56.89 -7.95 15.44
N LYS A 457 58.17 -7.69 15.62
CA LYS A 457 58.78 -6.45 15.20
C LYS A 457 59.85 -6.78 14.14
N LYS A 458 59.76 -6.16 12.97
CA LYS A 458 60.72 -6.42 11.90
C LYS A 458 61.45 -5.13 11.56
N LEU A 459 62.77 -5.22 11.37
CA LEU A 459 63.57 -4.04 11.06
C LEU A 459 63.85 -3.82 9.58
N LEU A 460 63.60 -2.62 9.13
CA LEU A 460 63.73 -2.33 7.73
C LEU A 460 64.98 -1.46 7.42
N TYR A 461 65.70 -1.74 6.32
CA TYR A 461 66.86 -0.92 5.90
C TYR A 461 67.25 -0.87 4.41
N LYS A 462 67.69 0.31 3.96
CA LYS A 462 68.16 0.50 2.58
C LYS A 462 69.19 1.64 2.43
N PRO A 463 69.94 1.62 1.31
CA PRO A 463 70.90 2.71 1.10
C PRO A 463 70.22 3.96 0.54
N VAL A 464 70.00 3.94 -0.75
CA VAL A 464 69.51 5.08 -1.49
C VAL A 464 69.31 4.61 -2.92
N ASN A 465 69.76 3.37 -3.16
CA ASN A 465 69.76 2.72 -4.46
C ASN A 465 68.61 1.74 -4.66
N HIS A 466 68.54 0.74 -3.78
CA HIS A 466 67.56 -0.36 -3.90
C HIS A 466 66.79 -0.65 -2.59
N TYR A 467 66.13 -1.82 -2.51
CA TYR A 467 65.58 -2.30 -1.23
C TYR A 467 65.95 -3.73 -0.82
N GLU A 468 65.94 -3.91 0.50
CA GLU A 468 66.26 -5.15 1.21
C GLU A 468 65.49 -5.09 2.51
N ALA A 469 66.24 -5.33 3.61
CA ALA A 469 65.88 -5.16 5.03
C ALA A 469 66.02 -6.42 5.89
N TRP A 470 65.20 -6.46 6.92
CA TRP A 470 64.89 -7.64 7.77
C TRP A 470 65.50 -7.66 9.16
N GLN A 471 65.38 -8.83 9.78
CA GLN A 471 65.73 -9.11 11.18
C GLN A 471 64.54 -9.04 12.13
N HIS A 472 64.08 -10.24 12.51
CA HIS A 472 62.96 -10.42 13.42
C HIS A 472 63.50 -10.14 14.85
N ILE A 473 63.00 -9.09 15.47
CA ILE A 473 63.64 -8.38 16.59
C ILE A 473 63.24 -8.77 18.01
N GLN A 474 64.24 -9.06 18.86
CA GLN A 474 63.95 -9.54 20.22
C GLN A 474 64.50 -8.73 21.41
N VAL A 475 64.77 -7.44 21.20
CA VAL A 475 65.06 -6.48 22.26
C VAL A 475 64.96 -5.09 21.63
N THR A 476 64.45 -4.11 22.36
CA THR A 476 64.08 -2.83 21.75
C THR A 476 65.21 -2.06 21.04
N ASN A 477 66.47 -2.18 21.48
CA ASN A 477 67.60 -1.38 20.95
C ASN A 477 68.62 -2.18 20.10
N GLU A 478 68.78 -1.88 18.80
CA GLU A 478 69.45 -2.83 17.85
C GLU A 478 70.73 -2.53 17.03
N ILE A 479 71.56 -3.57 16.87
CA ILE A 479 72.96 -3.48 16.39
C ILE A 479 73.28 -4.19 15.04
N VAL A 480 73.28 -3.42 13.95
CA VAL A 480 73.57 -3.91 12.60
C VAL A 480 75.03 -3.72 12.22
N THR A 481 75.89 -4.65 12.61
CA THR A 481 77.25 -4.58 12.10
C THR A 481 77.24 -5.12 10.66
N LEU A 482 78.40 -5.60 10.20
CA LEU A 482 78.57 -6.00 8.81
C LEU A 482 77.91 -4.94 7.92
N ASN A 483 78.54 -3.77 7.91
CA ASN A 483 78.08 -2.59 7.21
C ASN A 483 79.12 -2.13 6.20
N TYR A 484 78.75 -1.23 5.28
CA TYR A 484 79.74 -0.68 4.34
C TYR A 484 80.63 0.32 5.05
N LEU A 485 81.09 1.30 4.31
CA LEU A 485 82.05 2.19 4.89
C LEU A 485 81.46 3.57 5.00
N GLU A 486 80.92 4.08 3.91
CA GLU A 486 80.41 5.44 3.94
C GLU A 486 79.13 5.61 3.13
N PRO A 487 78.07 4.87 3.48
CA PRO A 487 76.86 5.06 2.69
C PRO A 487 75.80 5.77 3.52
N ARG A 488 74.84 6.39 2.84
CA ARG A 488 73.63 6.85 3.51
C ARG A 488 72.67 5.68 3.62
N THR A 489 72.18 5.47 4.84
CA THR A 489 71.32 4.35 5.13
C THR A 489 69.97 4.91 5.61
N GLU A 490 68.87 4.16 5.41
CA GLU A 490 67.51 4.55 5.84
C GLU A 490 66.80 3.45 6.66
N TYR A 491 66.36 3.77 7.89
CA TYR A 491 65.83 2.76 8.82
C TYR A 491 64.39 2.94 9.21
N GLU A 492 63.58 1.90 9.00
CA GLU A 492 62.17 1.97 9.34
C GLU A 492 61.61 0.85 10.17
N LEU A 493 60.69 1.24 11.04
CA LEU A 493 60.15 0.37 12.04
C LEU A 493 58.82 -0.12 11.53
N CYS A 494 58.56 -1.41 11.75
CA CYS A 494 57.37 -2.10 11.24
C CYS A 494 56.78 -3.15 12.21
N VAL A 495 55.59 -2.86 12.70
CA VAL A 495 54.94 -3.61 13.78
C VAL A 495 53.99 -4.70 13.23
N GLN A 496 53.52 -5.64 14.08
CA GLN A 496 52.59 -6.73 13.68
C GLN A 496 51.52 -7.18 14.72
N LEU A 497 50.34 -7.61 14.23
CA LEU A 497 49.12 -7.84 15.07
C LEU A 497 48.71 -9.32 15.27
N VAL A 498 47.41 -9.63 15.27
CA VAL A 498 46.93 -11.02 15.27
C VAL A 498 46.55 -11.41 13.81
N ARG A 499 46.56 -12.70 13.48
CA ARG A 499 46.53 -13.23 12.09
C ARG A 499 45.74 -12.51 10.95
N ARG A 500 45.93 -13.01 9.73
CA ARG A 500 45.51 -12.31 8.49
C ARG A 500 46.24 -10.97 8.38
N GLY A 501 45.53 -9.91 8.04
CA GLY A 501 46.17 -8.61 7.87
C GLY A 501 46.83 -8.12 9.14
N GLU A 502 48.15 -8.29 9.25
CA GLU A 502 48.87 -7.98 10.48
C GLU A 502 50.13 -7.22 10.19
N GLY A 503 50.42 -7.08 8.90
CA GLY A 503 51.61 -6.37 8.48
C GLY A 503 51.51 -4.94 8.95
N GLY A 504 50.83 -4.11 8.17
CA GLY A 504 50.62 -2.75 8.59
C GLY A 504 51.85 -1.90 8.48
N GLU A 505 51.74 -0.83 7.70
CA GLU A 505 52.86 -0.02 7.23
C GLU A 505 53.84 0.46 8.31
N GLY A 506 55.03 0.87 7.87
CA GLY A 506 55.94 1.61 8.72
C GLY A 506 55.90 3.03 8.23
N HIS A 507 56.23 4.00 9.09
CA HIS A 507 56.70 5.29 8.59
C HIS A 507 58.06 5.66 9.19
N PRO A 508 58.11 6.22 10.41
CA PRO A 508 59.37 6.64 11.04
C PRO A 508 60.60 6.93 10.15
N GLY A 509 61.81 6.61 10.62
CA GLY A 509 63.02 6.72 9.80
C GLY A 509 63.99 7.89 9.99
N PRO A 510 65.28 7.61 10.30
CA PRO A 510 66.37 8.60 10.27
C PRO A 510 67.37 8.24 9.15
N VAL A 511 68.59 8.77 9.16
CA VAL A 511 69.60 8.52 8.10
C VAL A 511 71.05 8.65 8.65
N ARG A 512 72.02 7.90 8.13
CA ARG A 512 73.41 8.13 8.58
C ARG A 512 74.49 7.85 7.51
N ARG A 513 75.75 7.75 7.94
CA ARG A 513 76.94 7.39 7.16
C ARG A 513 78.09 7.26 8.16
N PHE A 514 79.29 6.81 7.76
CA PHE A 514 80.43 6.67 8.68
C PHE A 514 81.70 7.42 8.28
N PRO B 8 -51.36 36.25 -28.60
CA PRO B 8 -50.42 36.46 -27.50
C PRO B 8 -49.85 35.15 -26.97
N PHE B 9 -48.84 34.60 -27.63
CA PHE B 9 -48.45 33.20 -27.39
C PHE B 9 -47.49 32.90 -26.23
N ARG B 10 -47.59 31.68 -25.69
CA ARG B 10 -47.04 31.34 -24.37
C ARG B 10 -46.05 30.18 -24.31
N ASP B 11 -45.71 29.60 -25.46
CA ASP B 11 -44.60 28.65 -25.56
C ASP B 11 -44.12 28.45 -27.01
N CYS B 12 -43.20 27.52 -27.20
CA CYS B 12 -42.55 27.30 -28.50
C CYS B 12 -43.43 26.45 -29.44
N ALA B 13 -44.32 25.66 -28.86
CA ALA B 13 -45.27 24.90 -29.65
C ALA B 13 -46.21 25.83 -30.42
N ASP B 14 -46.59 26.94 -29.80
CA ASP B 14 -47.38 27.99 -30.45
C ASP B 14 -46.58 28.69 -31.55
N VAL B 15 -45.29 28.91 -31.30
CA VAL B 15 -44.35 29.52 -32.25
C VAL B 15 -44.26 28.68 -33.52
N TYR B 16 -44.38 27.35 -33.35
CA TYR B 16 -44.32 26.43 -34.47
C TYR B 16 -45.68 26.28 -35.17
N GLN B 17 -46.77 26.41 -34.40
CA GLN B 17 -48.11 26.44 -34.97
C GLN B 17 -48.16 27.59 -35.95
N ALA B 18 -47.68 28.74 -35.49
CA ALA B 18 -47.65 29.97 -36.27
C ALA B 18 -46.61 29.96 -37.40
N GLY B 19 -46.22 28.77 -37.85
CA GLY B 19 -45.46 28.61 -39.09
C GLY B 19 -43.95 28.76 -39.03
N PHE B 20 -43.43 29.12 -37.86
CA PHE B 20 -41.98 29.30 -37.69
C PHE B 20 -41.29 27.94 -37.49
N ASN B 21 -40.70 27.41 -38.56
CA ASN B 21 -39.97 26.13 -38.50
C ASN B 21 -38.43 26.19 -38.25
N LYS B 22 -37.97 27.27 -37.63
CA LYS B 22 -36.53 27.46 -37.30
C LYS B 22 -36.22 27.57 -35.78
N SER B 23 -35.08 27.01 -35.36
CA SER B 23 -34.60 27.13 -33.99
C SER B 23 -33.94 28.49 -33.75
N GLY B 24 -34.23 29.10 -32.61
CA GLY B 24 -33.65 30.39 -32.28
C GLY B 24 -34.14 30.93 -30.96
N ILE B 25 -33.83 32.20 -30.69
CA ILE B 25 -34.37 32.89 -29.54
C ILE B 25 -35.75 33.43 -29.91
N TYR B 26 -36.71 33.21 -29.04
CA TYR B 26 -38.03 33.82 -29.16
C TYR B 26 -38.43 34.36 -27.78
N THR B 27 -39.58 35.01 -27.71
CA THR B 27 -40.03 35.62 -26.46
C THR B 27 -41.41 35.10 -26.11
N ILE B 28 -41.53 34.41 -24.98
CA ILE B 28 -42.83 33.84 -24.57
C ILE B 28 -43.39 34.50 -23.30
N TYR B 29 -44.67 34.80 -23.37
CA TYR B 29 -45.34 35.55 -22.33
C TYR B 29 -46.19 34.55 -21.62
N ILE B 30 -46.32 34.74 -20.33
CA ILE B 30 -46.88 33.69 -19.54
C ILE B 30 -48.16 34.20 -18.88
N ASN B 31 -49.13 33.30 -18.63
CA ASN B 31 -50.45 33.63 -18.07
C ASN B 31 -50.44 34.10 -16.62
N ASN B 32 -51.01 35.29 -16.36
CA ASN B 32 -50.92 35.96 -15.06
C ASN B 32 -49.48 36.28 -14.66
N MET B 33 -48.58 36.03 -15.61
CA MET B 33 -47.24 36.60 -15.60
C MET B 33 -47.29 37.88 -16.42
N PRO B 34 -47.28 39.01 -15.73
CA PRO B 34 -46.93 40.23 -16.47
C PRO B 34 -45.44 40.15 -16.78
N GLU B 35 -45.07 40.37 -18.03
CA GLU B 35 -43.66 40.44 -18.47
C GLU B 35 -42.94 39.14 -18.84
N PRO B 36 -42.64 39.01 -20.14
CA PRO B 36 -42.13 37.85 -20.89
C PRO B 36 -40.80 37.32 -20.42
N LYS B 37 -40.22 36.49 -21.28
CA LYS B 37 -38.94 35.87 -21.04
C LYS B 37 -38.42 35.48 -22.41
N LYS B 38 -37.16 35.79 -22.70
CA LYS B 38 -36.57 35.25 -23.90
C LYS B 38 -36.25 33.80 -23.62
N VAL B 39 -36.58 32.93 -24.56
CA VAL B 39 -36.31 31.51 -24.38
C VAL B 39 -35.64 30.93 -25.61
N PHE B 40 -35.36 29.64 -25.58
CA PHE B 40 -34.81 29.01 -26.76
C PHE B 40 -35.74 27.91 -27.21
N CYS B 41 -36.20 28.01 -28.44
CA CYS B 41 -37.13 27.05 -28.99
C CYS B 41 -36.44 26.12 -29.95
N ASN B 42 -36.61 24.83 -29.70
CA ASN B 42 -36.06 23.80 -30.57
C ASN B 42 -37.12 23.22 -31.51
N MET B 43 -36.90 23.39 -32.82
CA MET B 43 -37.93 23.06 -33.81
C MET B 43 -37.58 21.93 -34.78
N ASP B 44 -36.56 21.13 -34.47
CA ASP B 44 -36.11 20.05 -35.36
C ASP B 44 -36.45 18.66 -34.80
N VAL B 45 -36.05 18.46 -33.55
CA VAL B 45 -36.22 17.19 -32.84
C VAL B 45 -37.62 16.60 -32.94
N ASN B 46 -37.68 15.30 -33.22
CA ASN B 46 -38.94 14.55 -33.27
C ASN B 46 -39.93 15.21 -34.21
N GLY B 47 -40.53 16.32 -33.74
CA GLY B 47 -41.44 17.08 -34.56
C GLY B 47 -41.33 18.59 -34.36
N GLY B 48 -40.39 19.01 -33.52
CA GLY B 48 -40.25 20.43 -33.21
C GLY B 48 -41.30 20.90 -32.23
N GLY B 49 -41.26 22.19 -31.89
CA GLY B 49 -42.19 22.76 -30.93
C GLY B 49 -41.72 22.60 -29.49
N TRP B 50 -40.44 22.33 -29.33
CA TRP B 50 -39.86 22.11 -28.01
C TRP B 50 -39.50 23.42 -27.31
N THR B 51 -39.74 23.47 -26.01
CA THR B 51 -39.37 24.63 -25.19
C THR B 51 -38.30 24.25 -24.14
N VAL B 52 -37.11 24.83 -24.29
CA VAL B 52 -35.92 24.45 -23.52
C VAL B 52 -35.84 25.12 -22.15
N ILE B 53 -35.88 24.33 -21.08
CA ILE B 53 -35.83 24.87 -19.73
C ILE B 53 -34.41 24.98 -19.14
N GLN B 54 -33.47 24.22 -19.69
CA GLN B 54 -32.06 24.37 -19.31
C GLN B 54 -31.12 23.86 -20.40
N HIS B 55 -30.00 24.55 -20.57
CA HIS B 55 -29.04 24.13 -21.58
C HIS B 55 -27.64 24.19 -21.00
N ARG B 56 -26.97 23.05 -21.03
CA ARG B 56 -25.55 22.98 -20.67
C ARG B 56 -24.74 22.42 -21.85
N GLU B 57 -23.56 22.99 -22.09
CA GLU B 57 -22.74 22.54 -23.21
C GLU B 57 -21.27 22.86 -23.03
N ASP B 58 -20.95 23.79 -22.13
CA ASP B 58 -19.56 24.23 -21.96
C ASP B 58 -19.13 24.59 -20.52
N GLY B 59 -20.08 25.05 -19.70
CA GLY B 59 -19.78 25.36 -18.31
C GLY B 59 -19.42 26.82 -18.10
N SER B 60 -19.78 27.64 -19.08
CA SER B 60 -19.63 29.08 -18.95
C SER B 60 -20.36 29.50 -17.70
N LEU B 61 -21.61 29.04 -17.63
CA LEU B 61 -22.53 29.42 -16.57
C LEU B 61 -22.32 28.59 -15.31
N ASP B 62 -22.46 29.26 -14.17
CA ASP B 62 -22.36 28.63 -12.86
C ASP B 62 -23.74 28.23 -12.32
N PHE B 63 -23.93 26.95 -12.01
CA PHE B 63 -25.23 26.47 -11.58
C PHE B 63 -25.37 26.44 -10.07
N GLN B 64 -24.27 26.71 -9.38
CA GLN B 64 -24.26 26.75 -7.92
C GLN B 64 -24.85 28.07 -7.39
N ARG B 65 -26.17 28.12 -7.28
CA ARG B 65 -26.90 29.34 -6.92
C ARG B 65 -28.03 29.08 -5.95
N GLY B 66 -28.65 30.16 -5.46
CA GLY B 66 -29.74 30.07 -4.49
C GLY B 66 -31.13 30.05 -5.09
N TRP B 67 -32.13 29.93 -4.21
CA TRP B 67 -33.55 29.84 -4.59
C TRP B 67 -33.95 30.94 -5.56
N LYS B 68 -33.84 32.16 -5.05
CA LYS B 68 -34.29 33.36 -5.74
C LYS B 68 -33.72 33.36 -7.12
N GLU B 69 -32.48 32.88 -7.23
CA GLU B 69 -31.80 32.74 -8.51
C GLU B 69 -32.39 31.59 -9.34
N TYR B 70 -32.70 30.46 -8.71
CA TYR B 70 -33.28 29.32 -9.42
C TYR B 70 -34.75 29.53 -9.68
N LYS B 71 -35.34 30.44 -8.91
CA LYS B 71 -36.75 30.76 -9.10
C LYS B 71 -37.01 31.46 -10.43
N MET B 72 -36.27 32.53 -10.68
CA MET B 72 -36.51 33.39 -11.84
C MET B 72 -35.74 32.96 -13.08
N GLY B 73 -34.81 32.05 -12.87
CA GLY B 73 -33.95 31.61 -13.94
C GLY B 73 -32.79 32.55 -14.19
N PHE B 74 -31.81 32.06 -14.93
CA PHE B 74 -30.57 32.79 -15.19
C PHE B 74 -29.94 32.34 -16.52
N GLY B 75 -28.70 32.75 -16.76
CA GLY B 75 -28.01 32.44 -18.02
C GLY B 75 -28.65 33.09 -19.23
N ASN B 76 -28.04 32.92 -20.41
CA ASN B 76 -28.68 33.43 -21.63
C ASN B 76 -29.26 32.31 -22.50
N PRO B 77 -30.51 32.52 -22.98
CA PRO B 77 -31.21 31.61 -23.91
C PRO B 77 -30.36 31.17 -25.10
N SER B 78 -29.38 32.01 -25.46
CA SER B 78 -28.41 31.71 -26.52
C SER B 78 -27.46 30.55 -26.20
N GLY B 79 -26.69 30.69 -25.12
CA GLY B 79 -25.75 29.66 -24.72
C GLY B 79 -26.27 28.74 -23.64
N GLU B 80 -25.58 28.73 -22.49
CA GLU B 80 -26.01 27.94 -21.34
C GLU B 80 -27.02 28.71 -20.51
N TYR B 81 -28.08 28.02 -20.07
CA TYR B 81 -29.09 28.63 -19.20
C TYR B 81 -30.05 27.73 -18.39
N TRP B 82 -30.91 28.42 -17.63
CA TRP B 82 -32.00 27.84 -16.86
C TRP B 82 -33.18 28.78 -17.05
N LEU B 83 -34.37 28.21 -17.17
CA LEU B 83 -35.52 29.04 -17.44
C LEU B 83 -35.94 29.81 -16.20
N GLY B 84 -36.21 29.04 -15.13
CA GLY B 84 -36.73 29.56 -13.88
C GLY B 84 -37.93 28.75 -13.44
N ASN B 85 -38.01 28.47 -12.15
CA ASN B 85 -39.07 27.60 -11.65
C ASN B 85 -40.47 28.25 -11.61
N GLU B 86 -40.58 29.48 -11.10
CA GLU B 86 -41.84 30.24 -11.14
C GLU B 86 -42.22 30.55 -12.61
N PHE B 87 -41.38 30.12 -13.54
CA PHE B 87 -41.72 30.10 -14.96
C PHE B 87 -42.12 28.73 -15.43
N ILE B 88 -41.38 27.71 -14.99
CA ILE B 88 -41.64 26.34 -15.40
C ILE B 88 -42.91 25.84 -14.73
N PHE B 89 -43.14 26.36 -13.53
CA PHE B 89 -44.41 26.18 -12.84
C PHE B 89 -45.54 26.94 -13.53
N ALA B 90 -45.27 28.20 -13.88
CA ALA B 90 -46.26 29.05 -14.55
C ALA B 90 -46.59 28.54 -15.95
N ILE B 91 -45.72 27.71 -16.51
CA ILE B 91 -45.95 27.15 -17.83
C ILE B 91 -46.65 25.79 -17.80
N THR B 92 -46.44 24.98 -16.75
CA THR B 92 -47.11 23.67 -16.68
C THR B 92 -48.39 23.63 -15.83
N SER B 93 -49.00 24.78 -15.65
CA SER B 93 -50.30 24.87 -15.01
C SER B 93 -51.33 25.30 -16.07
N GLN B 94 -50.84 25.99 -17.09
CA GLN B 94 -51.60 26.28 -18.32
C GLN B 94 -52.22 25.00 -18.93
N ARG B 95 -51.44 23.93 -19.05
CA ARG B 95 -52.00 22.63 -19.47
C ARG B 95 -51.27 21.42 -18.90
N GLN B 96 -51.06 20.41 -19.75
CA GLN B 96 -50.25 19.24 -19.39
C GLN B 96 -49.15 19.02 -20.38
N TYR B 97 -47.94 18.89 -19.86
CA TYR B 97 -46.75 18.89 -20.69
C TYR B 97 -46.00 17.57 -20.65
N MET B 98 -45.27 17.30 -21.73
CA MET B 98 -44.36 16.17 -21.80
C MET B 98 -42.92 16.66 -21.66
N LEU B 99 -42.02 15.78 -21.23
CA LEU B 99 -40.64 16.16 -20.97
C LEU B 99 -39.64 15.22 -21.66
N ARG B 100 -38.70 15.81 -22.39
CA ARG B 100 -37.58 15.07 -22.94
C ARG B 100 -36.29 15.65 -22.34
N ILE B 101 -35.21 14.87 -22.37
CA ILE B 101 -33.93 15.31 -21.85
C ILE B 101 -32.79 14.84 -22.73
N GLU B 102 -32.05 15.80 -23.27
CA GLU B 102 -31.06 15.48 -24.30
C GLU B 102 -29.62 15.42 -23.79
N LEU B 103 -29.11 14.21 -23.67
CA LEU B 103 -27.77 14.04 -23.15
C LEU B 103 -26.73 13.91 -24.25
N MET B 104 -25.49 13.93 -23.81
CA MET B 104 -24.31 13.63 -24.62
C MET B 104 -23.10 13.55 -23.69
N ASP B 105 -22.30 12.51 -23.87
CA ASP B 105 -21.04 12.35 -23.16
C ASP B 105 -19.88 12.92 -23.97
N TRP B 106 -18.66 12.63 -23.53
CA TRP B 106 -17.48 13.14 -24.21
C TRP B 106 -17.01 12.27 -25.38
N GLU B 107 -17.49 11.04 -25.46
CA GLU B 107 -17.11 10.18 -26.59
C GLU B 107 -18.04 10.39 -27.80
N GLY B 108 -18.79 11.49 -27.79
CA GLY B 108 -19.72 11.84 -28.86
C GLY B 108 -20.91 10.90 -28.97
N ASN B 109 -21.74 10.86 -27.92
CA ASN B 109 -22.87 9.92 -27.87
C ASN B 109 -24.15 10.54 -27.31
N ARG B 110 -25.12 10.80 -28.18
CA ARG B 110 -26.44 11.27 -27.75
C ARG B 110 -27.15 10.22 -26.92
N ALA B 111 -28.16 10.67 -26.17
CA ALA B 111 -29.12 9.80 -25.50
C ALA B 111 -30.24 10.69 -25.00
N TYR B 112 -31.39 10.10 -24.69
CA TYR B 112 -32.50 10.90 -24.19
C TYR B 112 -33.45 10.08 -23.32
N SER B 113 -33.91 10.68 -22.22
CA SER B 113 -35.06 10.14 -21.51
C SER B 113 -36.24 10.99 -21.94
N GLN B 114 -37.44 10.44 -21.87
CA GLN B 114 -38.63 11.16 -22.29
C GLN B 114 -39.84 10.69 -21.51
N TYR B 115 -40.61 11.66 -21.03
CA TYR B 115 -41.66 11.40 -20.07
C TYR B 115 -43.00 11.91 -20.60
N ASP B 116 -44.07 11.15 -20.38
CA ASP B 116 -45.38 11.52 -20.92
C ASP B 116 -46.04 12.67 -20.14
N ARG B 117 -46.29 12.46 -18.85
CA ARG B 117 -46.83 13.51 -17.98
C ARG B 117 -45.73 14.23 -17.22
N PHE B 118 -45.84 15.55 -17.16
CA PHE B 118 -44.92 16.35 -16.36
C PHE B 118 -45.59 17.62 -15.86
N HIS B 119 -45.47 17.84 -14.55
CA HIS B 119 -46.04 19.01 -13.89
C HIS B 119 -45.27 19.23 -12.58
N ILE B 120 -45.11 20.48 -12.15
CA ILE B 120 -44.54 20.76 -10.82
C ILE B 120 -45.41 21.75 -10.04
N GLY B 121 -45.64 21.45 -8.76
CA GLY B 121 -46.40 22.30 -7.86
C GLY B 121 -45.72 23.64 -7.62
N ASN B 122 -46.25 24.45 -6.70
CA ASN B 122 -45.81 25.85 -6.54
C ASN B 122 -44.67 26.14 -5.56
N GLU B 123 -44.53 27.41 -5.18
CA GLU B 123 -43.45 27.83 -4.28
C GLU B 123 -43.67 27.40 -2.81
N LYS B 124 -44.93 27.31 -2.40
CA LYS B 124 -45.27 26.77 -1.09
C LYS B 124 -45.26 25.23 -1.13
N GLN B 125 -45.16 24.65 -2.34
CA GLN B 125 -45.06 23.20 -2.55
C GLN B 125 -43.65 22.78 -2.96
N ASN B 126 -42.73 23.75 -2.89
CA ASN B 126 -41.32 23.52 -3.21
C ASN B 126 -41.09 22.98 -4.60
N TYR B 127 -41.88 23.47 -5.55
CA TYR B 127 -41.79 23.10 -6.97
C TYR B 127 -41.66 21.59 -7.16
N ARG B 128 -42.17 20.85 -6.17
CA ARG B 128 -42.26 19.38 -6.12
C ARG B 128 -42.41 18.70 -7.49
N LEU B 129 -41.65 17.62 -7.70
CA LEU B 129 -41.64 16.94 -9.00
C LEU B 129 -42.76 15.91 -9.18
N TYR B 130 -43.52 16.01 -10.27
CA TYR B 130 -44.52 14.99 -10.64
C TYR B 130 -44.36 14.54 -12.11
N LEU B 131 -43.60 13.45 -12.31
CA LEU B 131 -43.41 12.84 -13.62
C LEU B 131 -44.14 11.49 -13.78
N LYS B 132 -44.21 11.00 -15.01
CA LYS B 132 -44.83 9.71 -15.31
C LYS B 132 -44.45 9.21 -16.71
N GLY B 133 -44.41 7.89 -16.91
CA GLY B 133 -44.14 7.31 -18.21
C GLY B 133 -42.73 7.48 -18.79
N HIS B 134 -41.74 6.91 -18.12
CA HIS B 134 -40.35 7.03 -18.56
C HIS B 134 -40.02 6.11 -19.73
N THR B 135 -39.82 6.71 -20.89
CA THR B 135 -39.30 6.00 -22.06
C THR B 135 -37.95 6.59 -22.44
N GLY B 136 -37.30 6.00 -23.43
CA GLY B 136 -36.06 6.56 -23.93
C GLY B 136 -34.79 5.77 -23.66
N THR B 137 -33.76 6.13 -24.42
CA THR B 137 -32.49 5.42 -24.48
C THR B 137 -31.60 5.61 -23.24
N ALA B 138 -31.81 6.69 -22.50
CA ALA B 138 -31.09 6.91 -21.25
C ALA B 138 -31.57 5.94 -20.16
N GLY B 139 -31.13 4.69 -20.29
CA GLY B 139 -31.39 3.65 -19.32
C GLY B 139 -32.79 3.12 -19.37
N LYS B 140 -32.95 1.90 -18.88
CA LYS B 140 -34.27 1.30 -18.71
C LYS B 140 -35.04 2.11 -17.69
N GLN B 141 -34.47 2.24 -16.49
CA GLN B 141 -35.13 2.93 -15.39
C GLN B 141 -34.92 4.44 -15.46
N SER B 142 -35.75 5.16 -14.71
CA SER B 142 -35.70 6.62 -14.67
C SER B 142 -34.64 7.07 -13.70
N SER B 143 -33.75 7.90 -14.22
CA SER B 143 -32.63 8.43 -13.46
C SER B 143 -33.06 9.67 -12.65
N LEU B 144 -34.27 10.17 -12.93
CA LEU B 144 -34.94 11.16 -12.08
C LEU B 144 -35.97 10.41 -11.25
N ILE B 145 -36.22 10.83 -10.02
CA ILE B 145 -37.26 10.15 -9.25
C ILE B 145 -38.65 10.69 -9.63
N LEU B 146 -39.53 9.77 -10.05
CA LEU B 146 -40.84 10.09 -10.63
C LEU B 146 -41.92 10.51 -9.62
N HIS B 147 -41.92 9.86 -8.46
CA HIS B 147 -42.91 10.09 -7.40
C HIS B 147 -42.71 11.44 -6.76
N GLY B 148 -41.45 11.86 -6.78
CA GLY B 148 -41.08 13.19 -6.37
C GLY B 148 -40.70 13.35 -4.92
N ALA B 149 -39.86 14.36 -4.75
CA ALA B 149 -39.61 14.98 -3.49
C ALA B 149 -39.37 16.42 -3.91
N ASP B 150 -39.09 17.26 -2.94
CA ASP B 150 -39.13 18.69 -3.16
C ASP B 150 -37.87 19.13 -3.91
N PHE B 151 -37.84 20.38 -4.38
CA PHE B 151 -36.68 20.97 -5.07
C PHE B 151 -35.72 21.58 -4.05
N SER B 152 -34.44 21.24 -4.13
CA SER B 152 -33.46 21.75 -3.16
C SER B 152 -32.45 22.68 -3.84
N THR B 153 -32.03 23.72 -3.12
CA THR B 153 -30.85 24.47 -3.50
C THR B 153 -30.01 24.66 -2.28
N LYS B 154 -28.88 25.32 -2.44
CA LYS B 154 -27.90 25.50 -1.38
C LYS B 154 -28.43 26.10 -0.05
N ASP B 155 -29.51 26.88 -0.13
CA ASP B 155 -30.19 27.38 1.09
C ASP B 155 -31.57 26.74 1.39
N ALA B 156 -31.87 25.62 0.72
CA ALA B 156 -33.08 24.84 1.03
C ALA B 156 -32.81 23.34 1.16
N ASP B 157 -32.65 22.87 2.41
CA ASP B 157 -32.63 21.44 2.69
C ASP B 157 -34.07 20.94 2.60
N ASN B 158 -34.47 20.51 1.40
CA ASN B 158 -35.83 20.03 1.15
C ASN B 158 -35.88 18.55 0.78
N ASP B 159 -34.74 18.02 0.36
CA ASP B 159 -34.55 16.61 0.08
C ASP B 159 -35.18 15.71 1.13
N ASN B 160 -35.61 14.53 0.72
CA ASN B 160 -36.09 13.53 1.66
C ASN B 160 -34.91 12.85 2.39
N CYS B 161 -33.73 13.47 2.25
CA CYS B 161 -32.54 13.06 2.96
C CYS B 161 -32.35 13.86 4.24
N MET B 162 -31.50 13.29 5.08
CA MET B 162 -31.17 13.82 6.39
C MET B 162 -29.95 14.71 6.30
N CYS B 163 -29.03 14.38 5.40
CA CYS B 163 -27.91 15.26 5.13
C CYS B 163 -28.42 16.55 4.47
N LYS B 164 -27.52 17.29 3.84
CA LYS B 164 -27.88 18.47 3.06
C LYS B 164 -27.49 18.28 1.60
N CYS B 165 -28.41 17.79 0.78
CA CYS B 165 -28.06 17.31 -0.55
C CYS B 165 -27.73 18.40 -1.58
N ALA B 166 -28.02 19.64 -1.23
CA ALA B 166 -27.59 20.75 -2.07
C ALA B 166 -26.08 20.88 -2.03
N LEU B 167 -25.53 20.94 -0.82
CA LEU B 167 -24.14 21.27 -0.55
C LEU B 167 -23.22 20.05 -0.60
N MET B 168 -23.62 19.10 -1.43
CA MET B 168 -22.89 17.86 -1.60
C MET B 168 -22.81 17.62 -3.08
N LEU B 169 -23.92 17.84 -3.76
CA LEU B 169 -23.95 17.64 -5.20
C LEU B 169 -23.98 18.93 -6.06
N THR B 170 -23.93 20.08 -5.39
CA THR B 170 -23.82 21.40 -6.03
C THR B 170 -25.03 21.87 -6.82
N GLY B 171 -25.45 23.10 -6.53
CA GLY B 171 -26.52 23.72 -7.28
C GLY B 171 -27.94 23.49 -6.76
N GLY B 172 -28.78 22.96 -7.64
CA GLY B 172 -30.19 22.78 -7.37
C GLY B 172 -30.84 21.75 -8.26
N TRP B 173 -31.68 20.91 -7.67
CA TRP B 173 -32.19 19.74 -8.37
C TRP B 173 -33.26 19.07 -7.52
N TRP B 174 -33.73 17.91 -7.97
CA TRP B 174 -34.68 17.12 -7.19
C TRP B 174 -34.01 15.97 -6.44
N PHE B 175 -33.67 16.26 -5.19
CA PHE B 175 -32.84 15.40 -4.38
C PHE B 175 -33.71 14.53 -3.47
N ASP B 176 -33.68 13.23 -3.71
CA ASP B 176 -34.36 12.22 -2.88
C ASP B 176 -33.64 12.11 -1.53
N ALA B 177 -32.86 11.05 -1.42
CA ALA B 177 -31.74 10.96 -0.49
C ALA B 177 -30.52 11.09 -1.39
N CYS B 178 -30.56 12.11 -2.23
CA CYS B 178 -29.66 12.32 -3.35
C CYS B 178 -29.92 11.33 -4.47
N GLY B 179 -30.80 11.73 -5.36
CA GLY B 179 -31.29 10.86 -6.40
C GLY B 179 -30.22 10.45 -7.39
N PRO B 180 -30.57 9.52 -8.28
CA PRO B 180 -29.68 9.15 -9.38
C PRO B 180 -29.62 10.16 -10.53
N SER B 181 -29.63 11.46 -10.22
CA SER B 181 -29.34 12.46 -11.25
C SER B 181 -29.05 13.85 -10.70
N ASN B 182 -28.29 14.61 -11.49
CA ASN B 182 -28.00 16.03 -11.22
C ASN B 182 -27.46 16.75 -12.45
N LEU B 183 -28.35 17.32 -13.25
CA LEU B 183 -27.96 17.99 -14.47
C LEU B 183 -27.66 19.46 -14.22
N ASN B 184 -27.64 19.83 -12.95
CA ASN B 184 -27.37 21.21 -12.58
C ASN B 184 -26.19 21.30 -11.69
N GLY B 185 -25.27 20.38 -11.88
CA GLY B 185 -24.21 20.27 -10.94
C GLY B 185 -22.97 21.02 -11.33
N MET B 186 -21.90 20.26 -11.34
CA MET B 186 -20.57 20.78 -11.55
C MET B 186 -20.23 20.47 -12.99
N PHE B 187 -19.88 21.48 -13.79
CA PHE B 187 -19.40 21.15 -15.13
C PHE B 187 -17.96 20.69 -15.10
N TYR B 188 -17.77 19.46 -15.58
CA TYR B 188 -16.43 18.91 -15.76
C TYR B 188 -16.00 18.78 -17.21
N THR B 189 -14.81 19.33 -17.49
CA THR B 189 -14.22 19.38 -18.82
C THR B 189 -13.73 17.99 -19.24
N ALA B 190 -13.17 17.85 -20.44
CA ALA B 190 -12.73 16.55 -20.92
C ALA B 190 -11.57 16.04 -20.07
N GLY B 191 -11.64 14.79 -19.60
CA GLY B 191 -10.56 14.23 -18.80
C GLY B 191 -10.81 14.18 -17.31
N GLN B 192 -11.26 15.29 -16.74
CA GLN B 192 -11.80 15.30 -15.38
C GLN B 192 -13.08 14.47 -15.37
N ASN B 193 -13.81 14.53 -16.48
CA ASN B 193 -15.12 13.91 -16.62
C ASN B 193 -15.24 12.45 -16.23
N HIS B 194 -14.15 11.84 -15.79
CA HIS B 194 -14.19 10.47 -15.27
C HIS B 194 -14.03 10.55 -13.75
N GLY B 195 -14.83 9.77 -13.02
CA GLY B 195 -14.72 9.68 -11.58
C GLY B 195 -14.92 10.98 -10.80
N LYS B 196 -15.95 11.73 -11.18
CA LYS B 196 -16.31 12.96 -10.47
C LYS B 196 -17.77 12.85 -10.05
N LEU B 197 -18.03 13.23 -8.82
CA LEU B 197 -19.30 12.92 -8.15
C LEU B 197 -20.36 14.04 -8.12
N ASN B 198 -19.99 15.24 -7.68
CA ASN B 198 -20.92 16.37 -7.78
C ASN B 198 -21.12 16.87 -9.22
N GLY B 199 -20.84 16.00 -10.19
CA GLY B 199 -20.84 16.35 -11.59
C GLY B 199 -22.24 16.50 -12.17
N ILE B 200 -22.31 16.61 -13.48
CA ILE B 200 -23.59 16.66 -14.20
C ILE B 200 -24.03 15.23 -14.60
N LYS B 201 -24.75 14.51 -13.73
CA LYS B 201 -24.91 13.05 -13.91
C LYS B 201 -26.29 12.47 -14.11
N TRP B 202 -26.27 11.25 -14.64
CA TRP B 202 -27.46 10.51 -15.04
C TRP B 202 -27.16 9.01 -14.97
N HIS B 203 -27.60 8.36 -13.89
CA HIS B 203 -27.14 7.00 -13.58
C HIS B 203 -27.34 5.90 -14.62
N TYR B 204 -28.55 5.79 -15.15
CA TYR B 204 -28.88 4.61 -15.95
C TYR B 204 -28.36 4.69 -17.38
N PHE B 205 -27.70 5.80 -17.68
CA PHE B 205 -27.07 6.03 -18.98
C PHE B 205 -25.54 5.79 -18.90
N LYS B 206 -24.81 6.72 -18.29
CA LYS B 206 -23.34 6.76 -18.35
C LYS B 206 -22.59 6.46 -17.06
N GLY B 207 -23.32 6.26 -15.97
CA GLY B 207 -22.70 5.95 -14.71
C GLY B 207 -22.69 7.14 -13.78
N PRO B 208 -22.84 6.87 -12.47
CA PRO B 208 -22.85 7.86 -11.39
C PRO B 208 -21.65 8.81 -11.37
N SER B 209 -20.44 8.32 -11.63
CA SER B 209 -19.24 9.13 -11.51
C SER B 209 -18.87 9.85 -12.80
N TYR B 210 -19.80 9.91 -13.75
CA TYR B 210 -19.55 10.65 -14.98
C TYR B 210 -20.03 12.08 -14.79
N SER B 211 -19.39 13.00 -15.50
CA SER B 211 -19.91 14.33 -15.72
C SER B 211 -20.07 14.46 -17.23
N LEU B 212 -21.33 14.55 -17.67
CA LEU B 212 -21.66 14.54 -19.09
C LEU B 212 -21.14 15.79 -19.81
N ARG B 213 -21.43 15.89 -21.10
CA ARG B 213 -20.90 16.95 -21.98
C ARG B 213 -21.92 18.03 -22.31
N SER B 214 -23.04 17.61 -22.87
CA SER B 214 -24.10 18.53 -23.26
C SER B 214 -25.49 17.99 -22.93
N THR B 215 -26.03 18.47 -21.79
CA THR B 215 -27.41 18.24 -21.40
C THR B 215 -28.29 19.34 -21.97
N THR B 216 -29.57 19.04 -22.10
CA THR B 216 -30.58 20.01 -22.50
C THR B 216 -31.94 19.42 -22.13
N MET B 217 -32.63 20.06 -21.21
CA MET B 217 -33.94 19.61 -20.80
C MET B 217 -35.01 20.43 -21.49
N MET B 218 -36.07 19.77 -21.94
CA MET B 218 -37.08 20.45 -22.73
C MET B 218 -38.50 19.90 -22.62
N ILE B 219 -39.47 20.75 -22.93
CA ILE B 219 -40.89 20.40 -22.89
C ILE B 219 -41.66 20.97 -24.07
N ARG B 220 -42.71 20.27 -24.45
CA ARG B 220 -43.77 20.76 -25.33
C ARG B 220 -45.01 20.01 -24.85
N PRO B 221 -46.21 20.53 -25.15
CA PRO B 221 -47.38 19.79 -24.64
C PRO B 221 -47.58 18.43 -25.31
N LEU B 222 -48.41 17.59 -24.70
CA LEU B 222 -48.71 16.26 -25.22
C LEU B 222 -49.20 16.37 -26.66
N ASP B 223 -50.22 17.21 -26.82
CA ASP B 223 -51.04 17.30 -28.04
C ASP B 223 -50.37 17.93 -29.26
N PHE B 224 -49.70 17.13 -30.09
CA PHE B 224 -48.87 17.68 -31.14
C PHE B 224 -48.73 16.74 -32.35
#